data_5IR1
#
_entry.id   5IR1
#
_cell.length_a   64.040
_cell.length_b   82.510
_cell.length_c   211.540
_cell.angle_alpha   90.00
_cell.angle_beta   90.00
_cell.angle_gamma   90.00
#
_symmetry.space_group_name_H-M   'P 21 21 21'
#
loop_
_entity.id
_entity.type
_entity.pdbx_description
1 polymer 'Cetuximab Fab light chain'
2 polymer 'Cetuximab Fab heavy chain'
3 polymer 'Meditope variant'
4 non-polymer 'PHOSPHATE ION'
5 non-polymer 2-acetamido-2-deoxy-beta-D-glucopyranose
6 water water
#
loop_
_entity_poly.entity_id
_entity_poly.type
_entity_poly.pdbx_seq_one_letter_code
_entity_poly.pdbx_strand_id
1 'polypeptide(L)'
;DILLTQSPVILSVSPGERVSFSCRASQSIGTNIHWYQQRTNGSPRLLIKYASESISGIPSRFSGSGSGTDFTLSINSVES
EDIADYYCQQNNNWPTTFGAGTKLELKRTVAAPSVFIFPPSDEQLKSGTASVVCLLNNFYPREAKVQWKVDNALQSGNSQ
ESVTEQDSKDSTYSLSSTLTLSKADYEKHKVYACEVTHQGLSSPVTKSFNRGA
;
A,C
2 'polypeptide(L)'
;QVQLKQSGPGLVQPSQSLSITCTVSGFSLTNYGVHWVRQSPGKGLEWLGVIWSGGNTDYNTPFTSRLSINKDNSKSQVFF
KMNSLQSNDTAIYYCARALTYYDYEFAYWGQGTLVTVSAASTKGPSVFPLAPSSKSTSGGTAALGCLVKDYFPEPVTVSW
NSGALTSGVHTFPAVLQSSGLYSLSSVVTVPSSSLGTQTYICNVNHKPSNTKVDKRVEPKS
;
B,D
3 'polypeptide(L)' GQ(6CV)DLSTRRLKG E,F
#
loop_
_chem_comp.id
_chem_comp.type
_chem_comp.name
_chem_comp.formula
NAG D-saccharide, beta linking 2-acetamido-2-deoxy-beta-D-glucopyranose 'C8 H15 N O6'
PO4 non-polymer 'PHOSPHATE ION' 'O4 P -3'
#
# COMPACT_ATOMS: atom_id res chain seq x y z
N ASP A 1 -25.11 7.46 19.05
CA ASP A 1 -24.30 6.25 19.00
C ASP A 1 -22.82 6.61 19.03
N ILE A 2 -21.99 5.71 19.54
CA ILE A 2 -20.56 5.90 19.51
C ILE A 2 -19.95 5.49 18.17
N LEU A 3 -19.27 6.43 17.54
CA LEU A 3 -18.55 6.17 16.32
C LEU A 3 -17.17 5.59 16.62
N LEU A 4 -16.83 4.49 15.94
CA LEU A 4 -15.48 3.95 16.03
C LEU A 4 -14.75 4.14 14.71
N THR A 5 -13.56 4.72 14.78
CA THR A 5 -12.79 4.98 13.59
C THR A 5 -11.56 4.07 13.55
N GLN A 6 -11.47 3.26 12.50
CA GLN A 6 -10.32 2.39 12.34
C GLN A 6 -9.39 2.92 11.25
N SER A 7 -8.10 3.04 11.58
CA SER A 7 -7.13 3.56 10.64
C SER A 7 -5.85 2.74 10.65
N PRO A 8 -5.19 2.62 9.49
CA PRO A 8 -5.75 2.97 8.17
C PRO A 8 -6.76 1.91 7.75
N VAL A 9 -7.38 2.07 6.58
CA VAL A 9 -8.34 1.07 6.13
C VAL A 9 -7.62 -0.17 5.62
N ILE A 10 -6.33 0.00 5.36
CA ILE A 10 -5.52 -1.03 4.71
C ILE A 10 -4.10 -1.06 5.28
N LEU A 11 -3.67 -2.25 5.68
CA LEU A 11 -2.34 -2.44 6.20
C LEU A 11 -1.59 -3.50 5.40
N SER A 12 -0.40 -3.14 4.94
CA SER A 12 0.42 -4.04 4.15
C SER A 12 1.77 -4.23 4.81
N VAL A 13 2.03 -5.45 5.25
CA VAL A 13 3.24 -5.78 6.02
C VAL A 13 3.89 -7.08 5.52
N SER A 14 5.18 -7.24 5.84
CA SER A 14 5.88 -8.48 5.53
C SER A 14 5.73 -9.45 6.69
N PRO A 15 5.78 -10.77 6.43
CA PRO A 15 5.67 -11.78 7.47
C PRO A 15 6.74 -11.63 8.55
N GLY A 16 6.36 -11.88 9.80
CA GLY A 16 7.31 -11.81 10.91
C GLY A 16 7.46 -10.43 11.49
N GLU A 17 6.88 -9.43 10.80
CA GLU A 17 6.86 -8.06 11.28
C GLU A 17 5.76 -7.86 12.32
N ARG A 18 5.91 -6.82 13.13
CA ARG A 18 4.85 -6.43 14.05
C ARG A 18 3.82 -5.58 13.31
N VAL A 19 2.56 -5.73 13.67
CA VAL A 19 1.53 -4.90 13.07
C VAL A 19 0.52 -4.43 14.13
N SER A 20 0.19 -3.15 14.06
CA SER A 20 -0.79 -2.56 14.97
C SER A 20 -2.02 -2.13 14.21
N PHE A 21 -3.18 -2.49 14.76
CA PHE A 21 -4.43 -1.95 14.26
C PHE A 21 -4.88 -0.89 15.25
N SER A 22 -5.27 0.26 14.72
CA SER A 22 -5.74 1.34 15.55
C SER A 22 -7.27 1.35 15.53
N CYS A 23 -7.88 1.70 16.67
CA CYS A 23 -9.33 1.92 16.76
C CYS A 23 -9.60 3.06 17.74
N ARG A 24 -10.19 4.13 17.23
CA ARG A 24 -10.48 5.30 18.06
C ARG A 24 -11.98 5.55 18.21
N ALA A 25 -12.38 5.91 19.42
CA ALA A 25 -13.78 6.12 19.77
C ALA A 25 -14.13 7.59 19.92
N SER A 26 -15.37 7.93 19.58
CA SER A 26 -15.83 9.32 19.56
C SER A 26 -16.04 9.94 20.95
N GLN A 27 -16.11 9.09 21.97
CA GLN A 27 -15.99 9.53 23.37
C GLN A 27 -15.41 8.38 24.19
N SER A 28 -14.99 8.64 25.43
CA SER A 28 -14.34 7.59 26.20
C SER A 28 -15.25 6.38 26.38
N ILE A 29 -14.71 5.19 26.14
CA ILE A 29 -15.48 3.97 26.30
C ILE A 29 -14.81 3.03 27.31
N GLY A 30 -14.02 3.62 28.21
CA GLY A 30 -13.25 2.86 29.18
C GLY A 30 -12.31 1.87 28.51
N THR A 31 -12.51 0.59 28.81
CA THR A 31 -11.80 -0.48 28.12
C THR A 31 -12.78 -1.46 27.50
N ASN A 32 -13.99 -0.97 27.22
CA ASN A 32 -15.07 -1.81 26.74
C ASN A 32 -15.01 -1.94 25.22
N ILE A 33 -14.01 -2.66 24.74
CA ILE A 33 -13.79 -2.83 23.32
C ILE A 33 -13.40 -4.27 23.03
N HIS A 34 -14.01 -4.87 22.01
CA HIS A 34 -13.63 -6.21 21.56
C HIS A 34 -13.16 -6.18 20.11
N TRP A 35 -12.23 -7.07 19.77
CA TRP A 35 -11.67 -7.13 18.42
C TRP A 35 -12.02 -8.44 17.69
N TYR A 36 -12.29 -8.33 16.38
CA TYR A 36 -12.62 -9.51 15.60
C TYR A 36 -11.78 -9.67 14.33
N GLN A 37 -11.60 -10.94 13.94
CA GLN A 37 -10.95 -11.27 12.68
C GLN A 37 -11.99 -11.85 11.72
N GLN A 38 -12.02 -11.36 10.49
CA GLN A 38 -12.89 -11.96 9.51
C GLN A 38 -12.15 -12.41 8.26
N ARG A 39 -12.06 -13.73 8.08
CA ARG A 39 -11.44 -14.30 6.89
C ARG A 39 -12.44 -14.42 5.73
N THR A 40 -11.93 -14.64 4.52
CA THR A 40 -12.81 -14.79 3.35
C THR A 40 -13.84 -15.89 3.58
N ASN A 41 -15.12 -15.58 3.32
CA ASN A 41 -16.23 -16.51 3.53
C ASN A 41 -16.46 -16.88 4.99
N GLY A 42 -15.84 -16.13 5.90
CA GLY A 42 -15.87 -16.48 7.30
C GLY A 42 -16.76 -15.57 8.10
N SER A 43 -17.20 -16.08 9.26
CA SER A 43 -17.85 -15.25 10.26
C SER A 43 -16.79 -14.59 11.10
N PRO A 44 -17.11 -13.43 11.69
CA PRO A 44 -16.19 -12.78 12.62
C PRO A 44 -15.74 -13.73 13.73
N ARG A 45 -14.46 -13.67 14.06
CA ARG A 45 -13.86 -14.49 15.10
C ARG A 45 -13.34 -13.57 16.19
N LEU A 46 -13.79 -13.80 17.43
CA LEU A 46 -13.38 -12.99 18.57
C LEU A 46 -11.91 -13.25 18.94
N LEU A 47 -11.10 -12.19 18.96
CA LEU A 47 -9.67 -12.28 19.24
C LEU A 47 -9.30 -11.77 20.64
N ILE A 48 -9.85 -10.62 20.99
CA ILE A 48 -9.54 -9.96 22.23
C ILE A 48 -10.87 -9.41 22.76
N LYS A 49 -11.11 -9.52 24.06
CA LYS A 49 -12.26 -8.87 24.70
C LYS A 49 -11.78 -7.88 25.78
N TYR A 50 -12.57 -6.83 26.01
CA TYR A 50 -12.22 -5.77 26.96
C TYR A 50 -10.80 -5.27 26.79
N ALA A 51 -10.47 -4.87 25.56
CA ALA A 51 -9.19 -4.22 25.24
C ALA A 51 -7.96 -5.12 25.28
N SER A 52 -7.81 -5.93 26.32
CA SER A 52 -6.56 -6.66 26.51
C SER A 52 -6.69 -8.14 26.90
N GLU A 53 -7.91 -8.60 27.15
CA GLU A 53 -8.12 -9.94 27.70
C GLU A 53 -8.11 -11.05 26.65
N SER A 54 -7.45 -12.16 27.00
CA SER A 54 -7.28 -13.31 26.11
C SER A 54 -8.56 -14.12 25.85
N ILE A 55 -8.58 -14.80 24.71
CA ILE A 55 -9.69 -15.66 24.31
C ILE A 55 -9.14 -17.05 24.03
N SER A 56 -9.81 -18.06 24.55
CA SER A 56 -9.41 -19.45 24.33
C SER A 56 -9.27 -19.81 22.85
N GLY A 57 -8.11 -20.32 22.47
CA GLY A 57 -7.88 -20.80 21.11
C GLY A 57 -7.25 -19.78 20.17
N ILE A 58 -7.15 -18.53 20.62
CA ILE A 58 -6.54 -17.48 19.83
C ILE A 58 -5.04 -17.50 20.08
N PRO A 59 -4.23 -17.55 19.00
CA PRO A 59 -2.77 -17.63 19.18
C PRO A 59 -2.22 -16.49 20.05
N SER A 60 -1.13 -16.76 20.75
CA SER A 60 -0.57 -15.80 21.68
C SER A 60 -0.04 -14.53 21.01
N ARG A 61 0.22 -14.60 19.70
CA ARG A 61 0.75 -13.44 18.98
C ARG A 61 -0.23 -12.28 18.89
N PHE A 62 -1.52 -12.56 19.10
CA PHE A 62 -2.54 -11.51 19.19
C PHE A 62 -2.65 -10.91 20.59
N SER A 63 -2.57 -9.59 20.69
CA SER A 63 -2.87 -8.91 21.95
C SER A 63 -3.45 -7.52 21.70
N GLY A 64 -3.99 -6.90 22.75
CA GLY A 64 -4.55 -5.58 22.62
C GLY A 64 -4.24 -4.66 23.78
N SER A 65 -4.31 -3.35 23.54
CA SER A 65 -4.15 -2.39 24.62
C SER A 65 -5.00 -1.14 24.36
N GLY A 66 -4.91 -0.18 25.28
CA GLY A 66 -5.65 1.06 25.18
C GLY A 66 -6.77 1.23 26.20
N SER A 67 -7.13 2.48 26.44
CA SER A 67 -8.26 2.82 27.31
C SER A 67 -8.72 4.25 27.03
N GLY A 68 -10.01 4.51 27.27
CA GLY A 68 -10.58 5.79 26.92
C GLY A 68 -11.00 5.83 25.46
N THR A 69 -10.18 6.42 24.60
CA THR A 69 -10.57 6.57 23.20
C THR A 69 -9.62 5.91 22.20
N ASP A 70 -8.44 5.50 22.64
CA ASP A 70 -7.39 5.06 21.73
C ASP A 70 -6.99 3.61 22.04
N PHE A 71 -7.24 2.70 21.10
CA PHE A 71 -6.97 1.28 21.30
C PHE A 71 -6.14 0.68 20.19
N THR A 72 -5.44 -0.40 20.52
CA THR A 72 -4.56 -1.03 19.56
C THR A 72 -4.73 -2.53 19.59
N LEU A 73 -4.93 -3.11 18.42
CA LEU A 73 -4.83 -4.55 18.28
C LEU A 73 -3.44 -4.84 17.72
N SER A 74 -2.71 -5.70 18.40
CA SER A 74 -1.35 -6.00 17.96
C SER A 74 -1.12 -7.46 17.59
N ILE A 75 -0.43 -7.67 16.49
CA ILE A 75 0.14 -8.97 16.14
C ILE A 75 1.65 -8.78 16.13
N ASN A 76 2.36 -9.44 17.03
CA ASN A 76 3.78 -9.16 17.21
C ASN A 76 4.66 -9.73 16.10
N SER A 77 4.30 -10.92 15.62
CA SER A 77 5.00 -11.57 14.51
C SER A 77 3.97 -12.12 13.52
N VAL A 78 3.70 -11.35 12.47
CA VAL A 78 2.57 -11.65 11.59
C VAL A 78 2.84 -12.90 10.74
N GLU A 79 1.82 -13.73 10.60
CA GLU A 79 1.91 -14.93 9.79
C GLU A 79 1.02 -14.79 8.56
N SER A 80 1.28 -15.64 7.56
CA SER A 80 0.50 -15.61 6.32
C SER A 80 -0.98 -15.86 6.57
N GLU A 81 -1.31 -16.68 7.58
CA GLU A 81 -2.70 -16.98 7.88
CA GLU A 81 -2.70 -16.98 7.87
C GLU A 81 -3.43 -15.82 8.55
N ASP A 82 -2.74 -14.73 8.88
CA ASP A 82 -3.40 -13.58 9.51
C ASP A 82 -4.06 -12.68 8.47
N ILE A 83 -3.92 -13.01 7.20
CA ILE A 83 -4.57 -12.28 6.13
C ILE A 83 -6.08 -12.29 6.38
N ALA A 84 -6.63 -11.12 6.69
CA ALA A 84 -8.04 -10.99 7.07
C ALA A 84 -8.44 -9.55 7.21
N ASP A 85 -9.70 -9.34 7.56
CA ASP A 85 -10.16 -8.02 7.99
C ASP A 85 -10.25 -8.01 9.51
N TYR A 86 -9.99 -6.85 10.09
CA TYR A 86 -10.03 -6.73 11.54
C TYR A 86 -10.95 -5.61 11.98
N TYR A 87 -11.85 -5.96 12.91
CA TYR A 87 -12.86 -5.02 13.37
C TYR A 87 -12.77 -4.78 14.88
N CYS A 88 -13.15 -3.58 15.29
CA CYS A 88 -13.28 -3.31 16.72
C CYS A 88 -14.75 -3.10 17.06
N GLN A 89 -15.12 -3.37 18.30
CA GLN A 89 -16.49 -3.26 18.76
C GLN A 89 -16.46 -2.59 20.12
N GLN A 90 -17.30 -1.58 20.32
CA GLN A 90 -17.43 -0.96 21.65
C GLN A 90 -18.75 -1.38 22.30
N ASN A 91 -18.75 -1.51 23.62
CA ASN A 91 -20.00 -1.78 24.32
C ASN A 91 -20.08 -1.07 25.66
N ASN A 92 -19.51 0.11 25.72
CA ASN A 92 -19.65 0.93 26.92
C ASN A 92 -21.02 1.61 26.88
N ASN A 93 -21.51 1.84 25.67
CA ASN A 93 -22.74 2.58 25.46
CA ASN A 93 -22.74 2.58 25.45
C ASN A 93 -23.68 1.85 24.50
N TRP A 94 -24.94 1.75 24.90
CA TRP A 94 -25.93 1.12 24.06
C TRP A 94 -26.28 2.06 22.89
N PRO A 95 -26.34 1.52 21.65
CA PRO A 95 -26.13 0.11 21.27
C PRO A 95 -24.67 -0.21 20.97
N THR A 96 -24.27 -1.46 21.16
CA THR A 96 -22.94 -1.88 20.77
C THR A 96 -22.72 -1.54 19.27
N THR A 97 -21.56 -0.97 18.96
CA THR A 97 -21.28 -0.52 17.59
C THR A 97 -19.93 -1.05 17.11
N PHE A 98 -19.77 -1.14 15.78
CA PHE A 98 -18.56 -1.68 15.20
C PHE A 98 -17.84 -0.65 14.37
N GLY A 99 -16.51 -0.69 14.38
CA GLY A 99 -15.71 0.14 13.47
C GLY A 99 -15.82 -0.40 12.05
N ALA A 100 -15.32 0.34 11.07
CA ALA A 100 -15.49 -0.08 9.67
C ALA A 100 -14.41 -1.09 9.20
N GLY A 101 -13.42 -1.34 10.05
CA GLY A 101 -12.46 -2.40 9.77
C GLY A 101 -11.17 -1.94 9.12
N THR A 102 -10.14 -2.78 9.25
CA THR A 102 -8.88 -2.59 8.59
C THR A 102 -8.53 -3.88 7.86
N LYS A 103 -8.12 -3.76 6.60
CA LYS A 103 -7.70 -4.92 5.83
C LYS A 103 -6.21 -5.17 6.03
N LEU A 104 -5.84 -6.41 6.34
CA LEU A 104 -4.43 -6.79 6.45
C LEU A 104 -3.96 -7.62 5.26
N GLU A 105 -3.07 -7.04 4.45
CA GLU A 105 -2.46 -7.81 3.37
C GLU A 105 -0.96 -8.00 3.61
N LEU A 106 -0.42 -9.09 3.08
CA LEU A 106 0.99 -9.38 3.27
C LEU A 106 1.81 -9.05 2.04
N LYS A 107 3.04 -8.64 2.26
CA LYS A 107 4.01 -8.51 1.18
C LYS A 107 4.71 -9.85 0.97
N ARG A 108 5.18 -10.08 -0.24
CA ARG A 108 6.00 -11.24 -0.51
C ARG A 108 6.79 -10.94 -1.76
N THR A 109 7.63 -11.87 -2.17
CA THR A 109 8.41 -11.67 -3.38
C THR A 109 7.54 -11.75 -4.61
N VAL A 110 7.95 -11.04 -5.65
CA VAL A 110 7.28 -11.10 -6.94
C VAL A 110 7.16 -12.54 -7.44
N ALA A 111 5.97 -12.90 -7.93
CA ALA A 111 5.73 -14.23 -8.46
C ALA A 111 4.93 -14.06 -9.73
N ALA A 112 5.47 -14.55 -10.82
CA ALA A 112 4.84 -14.40 -12.12
C ALA A 112 3.66 -15.37 -12.23
N PRO A 113 2.59 -14.94 -12.90
CA PRO A 113 1.43 -15.82 -13.05
C PRO A 113 1.70 -17.01 -14.00
N SER A 114 1.17 -18.18 -13.67
CA SER A 114 1.06 -19.24 -14.65
C SER A 114 -0.22 -18.97 -15.43
N VAL A 115 -0.16 -19.10 -16.75
CA VAL A 115 -1.30 -18.69 -17.56
C VAL A 115 -1.89 -19.86 -18.33
N PHE A 116 -3.20 -19.98 -18.27
CA PHE A 116 -3.93 -21.06 -18.90
C PHE A 116 -5.14 -20.47 -19.60
N ILE A 117 -5.48 -21.00 -20.78
CA ILE A 117 -6.64 -20.55 -21.53
C ILE A 117 -7.63 -21.71 -21.77
N PHE A 118 -8.92 -21.43 -21.68
CA PHE A 118 -9.93 -22.47 -21.90
C PHE A 118 -10.95 -22.03 -22.95
N PRO A 119 -11.05 -22.81 -24.04
CA PRO A 119 -12.09 -22.62 -25.04
C PRO A 119 -13.45 -22.81 -24.40
N PRO A 120 -14.50 -22.26 -25.02
CA PRO A 120 -15.85 -22.62 -24.57
C PRO A 120 -16.07 -24.10 -24.78
N SER A 121 -16.83 -24.72 -23.88
CA SER A 121 -17.18 -26.13 -24.01
C SER A 121 -18.23 -26.27 -25.10
N ASP A 122 -18.28 -27.43 -25.74
CA ASP A 122 -19.32 -27.68 -26.73
C ASP A 122 -20.67 -27.64 -26.04
N GLU A 123 -20.68 -27.96 -24.76
CA GLU A 123 -21.91 -27.92 -23.99
C GLU A 123 -22.49 -26.51 -24.03
N GLN A 124 -21.66 -25.52 -23.70
CA GLN A 124 -22.13 -24.14 -23.68
C GLN A 124 -22.51 -23.62 -25.06
N LEU A 125 -21.76 -24.03 -26.08
CA LEU A 125 -22.05 -23.58 -27.44
C LEU A 125 -23.48 -23.92 -27.86
N LYS A 126 -24.03 -25.00 -27.30
CA LYS A 126 -25.43 -25.33 -27.51
C LYS A 126 -26.39 -24.22 -27.04
N SER A 127 -26.06 -23.58 -25.92
CA SER A 127 -26.90 -22.51 -25.36
C SER A 127 -26.91 -21.21 -26.18
N GLY A 128 -25.97 -21.07 -27.12
CA GLY A 128 -25.94 -19.90 -27.98
C GLY A 128 -24.94 -18.84 -27.54
N THR A 129 -24.21 -19.15 -26.47
CA THR A 129 -23.17 -18.25 -25.95
C THR A 129 -21.81 -18.95 -25.89
N ALA A 130 -20.74 -18.20 -26.00
CA ALA A 130 -19.41 -18.75 -25.85
C ALA A 130 -18.63 -17.96 -24.79
N SER A 131 -18.09 -18.66 -23.81
CA SER A 131 -17.20 -18.03 -22.83
C SER A 131 -15.79 -18.55 -23.04
N VAL A 132 -14.84 -17.64 -23.19
CA VAL A 132 -13.43 -18.00 -23.26
C VAL A 132 -12.77 -17.54 -21.96
N VAL A 133 -12.10 -18.45 -21.27
CA VAL A 133 -11.57 -18.14 -19.95
C VAL A 133 -10.05 -18.16 -19.98
N CYS A 134 -9.45 -17.15 -19.36
CA CYS A 134 -8.01 -17.05 -19.21
C CYS A 134 -7.75 -17.00 -17.71
N LEU A 135 -6.98 -17.95 -17.21
CA LEU A 135 -6.64 -18.05 -15.81
C LEU A 135 -5.21 -17.59 -15.60
N LEU A 136 -5.02 -16.66 -14.65
CA LEU A 136 -3.71 -16.24 -14.18
C LEU A 136 -3.59 -16.74 -12.75
N ASN A 137 -2.69 -17.67 -12.53
CA ASN A 137 -2.65 -18.39 -11.26
C ASN A 137 -1.42 -18.06 -10.39
N ASN A 138 -1.70 -17.83 -9.11
CA ASN A 138 -0.65 -17.71 -8.09
C ASN A 138 0.44 -16.68 -8.38
N PHE A 139 0.05 -15.41 -8.43
CA PHE A 139 1.00 -14.36 -8.75
C PHE A 139 0.99 -13.27 -7.69
N TYR A 140 2.03 -12.44 -7.71
CA TYR A 140 2.16 -11.32 -6.80
C TYR A 140 3.11 -10.32 -7.45
N PRO A 141 2.77 -9.02 -7.40
CA PRO A 141 1.61 -8.43 -6.71
C PRO A 141 0.34 -8.49 -7.55
N ARG A 142 -0.72 -7.87 -7.06
CA ARG A 142 -2.06 -8.04 -7.62
C ARG A 142 -2.18 -7.49 -9.04
N GLU A 143 -1.52 -6.37 -9.32
CA GLU A 143 -1.61 -5.71 -10.63
C GLU A 143 -1.22 -6.63 -11.80
N ALA A 144 -2.13 -6.76 -12.75
CA ALA A 144 -1.89 -7.53 -13.97
C ALA A 144 -2.76 -6.98 -15.12
N LYS A 145 -2.28 -7.16 -16.35
CA LYS A 145 -3.08 -6.77 -17.51
C LYS A 145 -3.36 -8.02 -18.32
N VAL A 146 -4.62 -8.17 -18.69
CA VAL A 146 -5.03 -9.20 -19.62
C VAL A 146 -5.57 -8.52 -20.85
N GLN A 147 -4.97 -8.83 -22.01
CA GLN A 147 -5.47 -8.32 -23.28
C GLN A 147 -6.00 -9.47 -24.13
N TRP A 148 -7.21 -9.31 -24.63
CA TRP A 148 -7.84 -10.31 -25.47
C TRP A 148 -7.76 -9.93 -26.94
N LYS A 149 -7.39 -10.88 -27.79
CA LYS A 149 -7.41 -10.66 -29.22
C LYS A 149 -8.14 -11.81 -29.90
N VAL A 150 -8.97 -11.48 -30.87
CA VAL A 150 -9.58 -12.48 -31.72
C VAL A 150 -9.18 -12.17 -33.17
N ASP A 151 -8.53 -13.13 -33.83
CA ASP A 151 -8.00 -12.89 -35.18
C ASP A 151 -7.30 -11.54 -35.27
N ASN A 152 -6.46 -11.25 -34.27
CA ASN A 152 -5.71 -10.01 -34.15
C ASN A 152 -6.56 -8.78 -33.89
N ALA A 153 -7.89 -8.89 -33.81
CA ALA A 153 -8.69 -7.75 -33.39
C ALA A 153 -8.64 -7.61 -31.88
N LEU A 154 -8.25 -6.42 -31.40
CA LEU A 154 -8.30 -6.13 -29.97
C LEU A 154 -9.73 -6.19 -29.44
N GLN A 155 -9.95 -6.97 -28.37
CA GLN A 155 -11.26 -7.03 -27.73
C GLN A 155 -11.36 -6.01 -26.62
N SER A 156 -12.50 -5.33 -26.55
CA SER A 156 -12.69 -4.28 -25.55
C SER A 156 -14.14 -4.14 -25.10
N GLY A 157 -14.34 -4.27 -23.80
CA GLY A 157 -15.68 -4.12 -23.23
C GLY A 157 -16.44 -5.43 -23.09
N ASN A 158 -15.90 -6.50 -23.66
CA ASN A 158 -16.60 -7.79 -23.67
C ASN A 158 -15.92 -8.87 -22.83
N SER A 159 -15.16 -8.43 -21.82
CA SER A 159 -14.56 -9.36 -20.87
C SER A 159 -14.84 -8.89 -19.43
N GLN A 160 -14.78 -9.82 -18.47
CA GLN A 160 -14.87 -9.48 -17.05
C GLN A 160 -13.80 -10.20 -16.23
N GLU A 161 -13.32 -9.51 -15.20
CA GLU A 161 -12.25 -9.98 -14.35
C GLU A 161 -12.74 -10.24 -12.94
N SER A 162 -12.20 -11.27 -12.32
CA SER A 162 -12.43 -11.55 -10.93
C SER A 162 -11.08 -11.94 -10.34
N VAL A 163 -10.81 -11.47 -9.13
CA VAL A 163 -9.54 -11.75 -8.44
C VAL A 163 -9.75 -12.31 -7.05
N THR A 164 -9.14 -13.44 -6.74
CA THR A 164 -9.23 -14.00 -5.40
C THR A 164 -8.56 -13.08 -4.40
N GLU A 165 -9.01 -13.15 -3.15
CA GLU A 165 -8.30 -12.50 -2.06
C GLU A 165 -6.96 -13.22 -1.87
N GLN A 166 -6.06 -12.58 -1.14
CA GLN A 166 -4.73 -13.16 -0.97
C GLN A 166 -4.79 -14.55 -0.35
N ASP A 167 -4.05 -15.49 -0.94
CA ASP A 167 -4.00 -16.84 -0.42
C ASP A 167 -3.37 -16.89 0.98
N SER A 168 -4.01 -17.63 1.89
CA SER A 168 -3.57 -17.65 3.29
C SER A 168 -2.27 -18.42 3.48
N LYS A 169 -1.92 -19.23 2.50
CA LYS A 169 -0.72 -20.06 2.60
C LYS A 169 0.47 -19.38 1.94
N ASP A 170 0.35 -19.07 0.64
CA ASP A 170 1.49 -18.51 -0.11
C ASP A 170 1.39 -17.00 -0.45
N SER A 171 0.33 -16.34 0.01
CA SER A 171 0.15 -14.89 -0.17
C SER A 171 0.05 -14.42 -1.63
N THR A 172 -0.32 -15.33 -2.53
CA THR A 172 -0.49 -14.96 -3.93
C THR A 172 -1.96 -14.70 -4.25
N TYR A 173 -2.18 -14.09 -5.41
CA TYR A 173 -3.51 -13.88 -5.92
C TYR A 173 -3.70 -14.76 -7.16
N SER A 174 -4.94 -15.04 -7.49
CA SER A 174 -5.23 -15.62 -8.80
C SER A 174 -6.31 -14.79 -9.52
N LEU A 175 -6.27 -14.78 -10.84
CA LEU A 175 -7.19 -13.96 -11.62
C LEU A 175 -7.79 -14.72 -12.81
N SER A 176 -9.09 -14.55 -13.01
CA SER A 176 -9.71 -15.09 -14.19
C SER A 176 -10.27 -13.95 -15.05
N SER A 177 -9.96 -14.00 -16.34
CA SER A 177 -10.59 -13.14 -17.33
C SER A 177 -11.51 -13.98 -18.23
N THR A 178 -12.79 -13.63 -18.24
CA THR A 178 -13.75 -14.29 -19.11
C THR A 178 -14.15 -13.37 -20.27
N LEU A 179 -13.84 -13.79 -21.49
CA LEU A 179 -14.29 -13.09 -22.68
C LEU A 179 -15.60 -13.72 -23.10
N THR A 180 -16.63 -12.90 -23.26
CA THR A 180 -17.96 -13.44 -23.62
C THR A 180 -18.39 -13.03 -25.03
N LEU A 181 -18.78 -14.04 -25.82
CA LEU A 181 -19.17 -13.87 -27.22
C LEU A 181 -20.49 -14.55 -27.52
N SER A 182 -21.21 -14.08 -28.53
CA SER A 182 -22.29 -14.86 -29.11
C SER A 182 -21.67 -16.08 -29.81
N LYS A 183 -22.42 -17.19 -29.92
CA LYS A 183 -21.91 -18.35 -30.64
C LYS A 183 -21.60 -17.99 -32.09
N ALA A 184 -22.45 -17.17 -32.68
CA ALA A 184 -22.26 -16.78 -34.06
C ALA A 184 -20.90 -16.12 -34.25
N ASP A 185 -20.58 -15.14 -33.42
CA ASP A 185 -19.28 -14.47 -33.48
CA ASP A 185 -19.30 -14.47 -33.49
C ASP A 185 -18.16 -15.48 -33.29
N TYR A 186 -18.29 -16.33 -32.28
CA TYR A 186 -17.27 -17.33 -31.99
C TYR A 186 -16.94 -18.22 -33.20
N GLU A 187 -17.96 -18.73 -33.87
CA GLU A 187 -17.76 -19.61 -35.01
C GLU A 187 -17.26 -18.85 -36.25
N LYS A 188 -17.30 -17.51 -36.21
CA LYS A 188 -16.78 -16.69 -37.30
C LYS A 188 -15.27 -16.47 -37.24
N HIS A 189 -14.59 -16.84 -36.17
CA HIS A 189 -13.17 -16.54 -36.06
C HIS A 189 -12.39 -17.76 -35.60
N LYS A 190 -11.06 -17.67 -35.76
CA LYS A 190 -10.15 -18.78 -35.55
C LYS A 190 -9.26 -18.61 -34.33
N VAL A 191 -8.42 -17.58 -34.29
CA VAL A 191 -7.40 -17.46 -33.24
C VAL A 191 -7.91 -16.67 -32.03
N TYR A 192 -7.89 -17.33 -30.87
CA TYR A 192 -8.27 -16.71 -29.62
C TYR A 192 -7.06 -16.59 -28.69
N ALA A 193 -6.66 -15.36 -28.34
CA ALA A 193 -5.43 -15.17 -27.59
C ALA A 193 -5.66 -14.27 -26.39
N CYS A 194 -5.15 -14.64 -25.23
CA CYS A 194 -5.05 -13.71 -24.11
C CYS A 194 -3.59 -13.44 -23.82
N GLU A 195 -3.23 -12.17 -23.82
CA GLU A 195 -1.87 -11.73 -23.52
C GLU A 195 -1.84 -11.22 -22.10
N VAL A 196 -0.90 -11.72 -21.30
CA VAL A 196 -0.82 -11.35 -19.91
C VAL A 196 0.44 -10.55 -19.67
N THR A 197 0.28 -9.42 -19.00
CA THR A 197 1.40 -8.58 -18.59
C THR A 197 1.46 -8.60 -17.07
N HIS A 198 2.66 -8.77 -16.52
CA HIS A 198 2.82 -8.72 -15.08
C HIS A 198 4.27 -8.40 -14.74
N GLN A 199 4.47 -7.82 -13.56
CA GLN A 199 5.80 -7.43 -13.10
C GLN A 199 6.79 -8.59 -13.13
N GLY A 200 6.32 -9.80 -12.86
CA GLY A 200 7.20 -10.96 -12.79
C GLY A 200 7.54 -11.61 -14.12
N LEU A 201 7.06 -11.03 -15.22
CA LEU A 201 7.34 -11.54 -16.56
C LEU A 201 8.23 -10.55 -17.32
N SER A 202 9.31 -11.05 -17.94
CA SER A 202 10.20 -10.14 -18.64
C SER A 202 9.58 -9.68 -19.95
N SER A 203 8.55 -10.38 -20.40
CA SER A 203 7.81 -9.99 -21.59
C SER A 203 6.45 -10.66 -21.53
N PRO A 204 5.44 -10.08 -22.20
CA PRO A 204 4.08 -10.62 -22.07
C PRO A 204 3.99 -12.07 -22.50
N VAL A 205 3.20 -12.84 -21.78
CA VAL A 205 2.93 -14.22 -22.11
C VAL A 205 1.58 -14.33 -22.81
N THR A 206 1.57 -14.99 -23.97
CA THR A 206 0.33 -15.18 -24.69
C THR A 206 -0.07 -16.65 -24.70
N LYS A 207 -1.30 -16.93 -24.30
CA LYS A 207 -1.87 -18.27 -24.41
C LYS A 207 -2.98 -18.21 -25.45
N SER A 208 -2.91 -19.06 -26.45
CA SER A 208 -3.93 -19.05 -27.49
C SER A 208 -4.36 -20.43 -27.94
N PHE A 209 -5.49 -20.48 -28.61
CA PHE A 209 -5.93 -21.70 -29.29
C PHE A 209 -6.61 -21.33 -30.60
N ASN A 210 -6.67 -22.29 -31.52
CA ASN A 210 -7.49 -22.13 -32.71
C ASN A 210 -8.79 -22.91 -32.55
N ARG A 211 -9.92 -22.25 -32.74
CA ARG A 211 -11.22 -22.91 -32.69
C ARG A 211 -11.19 -24.18 -33.55
N GLY A 212 -11.39 -25.33 -32.90
CA GLY A 212 -11.06 -26.62 -33.48
C GLY A 212 -9.83 -27.20 -32.82
N ALA A 213 -8.68 -27.11 -33.50
CA ALA A 213 -7.36 -27.23 -32.89
C ALA A 213 -6.29 -26.89 -33.95
N GLN B 1 -18.29 -27.72 21.06
CA GLN B 1 -19.59 -28.23 20.65
C GLN B 1 -20.67 -27.13 20.68
N VAL B 2 -20.30 -25.89 21.03
CA VAL B 2 -21.22 -24.78 20.89
C VAL B 2 -21.33 -24.36 19.42
N GLN B 3 -22.55 -24.35 18.90
CA GLN B 3 -22.78 -24.04 17.48
C GLN B 3 -24.09 -23.32 17.21
N LEU B 4 -24.10 -22.50 16.18
CA LEU B 4 -25.33 -21.88 15.69
C LEU B 4 -25.43 -22.12 14.17
N LYS B 5 -26.50 -22.77 13.71
CA LYS B 5 -26.69 -22.98 12.27
C LYS B 5 -27.90 -22.22 11.80
N GLN B 6 -27.73 -21.43 10.75
CA GLN B 6 -28.84 -20.63 10.24
C GLN B 6 -29.48 -21.26 8.99
N SER B 7 -30.71 -20.86 8.71
CA SER B 7 -31.39 -21.27 7.49
C SER B 7 -30.70 -20.67 6.25
N GLY B 8 -30.91 -21.31 5.11
CA GLY B 8 -30.24 -20.96 3.86
C GLY B 8 -30.42 -19.56 3.31
N PRO B 9 -29.49 -19.15 2.45
CA PRO B 9 -29.54 -17.82 1.84
C PRO B 9 -30.73 -17.74 0.91
N GLY B 10 -31.23 -16.53 0.69
CA GLY B 10 -32.41 -16.39 -0.13
C GLY B 10 -32.71 -15.00 -0.60
N LEU B 11 -33.70 -14.95 -1.48
CA LEU B 11 -34.17 -13.73 -2.10
C LEU B 11 -35.41 -13.24 -1.36
N VAL B 12 -35.50 -11.93 -1.16
CA VAL B 12 -36.75 -11.35 -0.72
C VAL B 12 -37.16 -10.16 -1.58
N GLN B 13 -38.44 -10.10 -1.91
CA GLN B 13 -38.98 -9.00 -2.71
C GLN B 13 -39.05 -7.70 -1.90
N PRO B 14 -38.82 -6.55 -2.56
CA PRO B 14 -38.94 -5.24 -1.92
C PRO B 14 -40.28 -5.07 -1.21
N SER B 15 -40.23 -4.61 0.03
CA SER B 15 -41.37 -4.44 0.94
C SER B 15 -41.83 -5.75 1.58
N GLN B 16 -41.39 -6.89 1.06
CA GLN B 16 -41.68 -8.16 1.72
C GLN B 16 -40.80 -8.35 2.97
N SER B 17 -41.02 -9.45 3.67
CA SER B 17 -40.31 -9.68 4.93
C SER B 17 -39.27 -10.80 4.89
N LEU B 18 -38.37 -10.77 5.86
CA LEU B 18 -37.26 -11.71 5.93
C LEU B 18 -37.38 -12.61 7.16
N SER B 19 -37.31 -13.93 6.97
CA SER B 19 -37.32 -14.87 8.08
C SER B 19 -36.09 -15.77 8.07
N ILE B 20 -35.40 -15.83 9.20
CA ILE B 20 -34.24 -16.68 9.35
C ILE B 20 -34.36 -17.46 10.65
N THR B 21 -34.06 -18.74 10.60
CA THR B 21 -34.00 -19.54 11.81
C THR B 21 -32.55 -19.80 12.18
N CYS B 22 -32.26 -19.63 13.46
CA CYS B 22 -30.97 -19.97 14.04
C CYS B 22 -31.21 -21.17 14.94
N THR B 23 -30.65 -22.31 14.58
CA THR B 23 -30.75 -23.50 15.44
C THR B 23 -29.44 -23.67 16.19
N VAL B 24 -29.53 -23.73 17.51
CA VAL B 24 -28.34 -23.77 18.33
C VAL B 24 -28.12 -25.14 18.95
N SER B 25 -26.89 -25.41 19.37
CA SER B 25 -26.58 -26.64 20.09
C SER B 25 -25.34 -26.43 20.95
N GLY B 26 -25.13 -27.32 21.92
CA GLY B 26 -24.01 -27.20 22.84
C GLY B 26 -24.28 -26.19 23.95
N PHE B 27 -25.52 -25.73 24.04
CA PHE B 27 -25.96 -24.86 25.12
C PHE B 27 -27.48 -24.71 25.05
N SER B 28 -28.05 -24.03 26.04
CA SER B 28 -29.49 -23.91 26.14
C SER B 28 -29.91 -22.45 26.03
N LEU B 29 -30.94 -22.21 25.23
CA LEU B 29 -31.46 -20.87 25.05
C LEU B 29 -31.99 -20.30 26.37
N THR B 30 -32.29 -21.20 27.31
CA THR B 30 -32.74 -20.79 28.64
C THR B 30 -31.60 -20.20 29.47
N ASN B 31 -30.37 -20.42 29.01
CA ASN B 31 -29.18 -19.94 29.73
C ASN B 31 -28.45 -18.82 29.03
N TYR B 32 -28.68 -18.63 27.74
CA TYR B 32 -27.99 -17.56 27.01
C TYR B 32 -28.90 -16.75 26.10
N GLY B 33 -28.59 -15.46 25.96
CA GLY B 33 -29.21 -14.65 24.94
C GLY B 33 -28.62 -14.95 23.57
N VAL B 34 -29.44 -14.81 22.52
CA VAL B 34 -28.94 -14.88 21.15
C VAL B 34 -29.09 -13.51 20.47
N HIS B 35 -28.00 -13.05 19.87
CA HIS B 35 -27.97 -11.75 19.23
C HIS B 35 -28.06 -11.87 17.71
N TRP B 36 -28.53 -10.82 17.06
CA TRP B 36 -28.50 -10.76 15.61
C TRP B 36 -27.73 -9.55 15.11
N VAL B 37 -26.85 -9.80 14.16
CA VAL B 37 -25.93 -8.84 13.62
C VAL B 37 -25.96 -9.03 12.12
N ARG B 38 -25.99 -7.94 11.36
CA ARG B 38 -25.89 -8.07 9.93
C ARG B 38 -24.66 -7.35 9.43
N GLN B 39 -24.29 -7.64 8.19
CA GLN B 39 -23.13 -7.01 7.60
C GLN B 39 -23.48 -6.63 6.18
N SER B 40 -23.58 -5.32 5.93
CA SER B 40 -24.08 -4.82 4.66
C SER B 40 -23.07 -3.91 3.97
N PRO B 41 -23.21 -3.74 2.65
CA PRO B 41 -22.36 -2.78 1.93
C PRO B 41 -22.53 -1.37 2.48
N GLY B 42 -23.77 -1.01 2.81
CA GLY B 42 -24.03 0.35 3.24
C GLY B 42 -23.45 0.69 4.60
N LYS B 43 -23.58 -0.23 5.57
CA LYS B 43 -23.23 0.10 6.94
C LYS B 43 -22.27 -0.85 7.64
N GLY B 44 -21.73 -1.85 6.95
CA GLY B 44 -20.80 -2.74 7.66
C GLY B 44 -21.49 -3.54 8.75
N LEU B 45 -20.71 -3.89 9.79
CA LEU B 45 -21.26 -4.65 10.92
C LEU B 45 -22.22 -3.79 11.75
N GLU B 46 -23.40 -4.32 11.97
CA GLU B 46 -24.47 -3.55 12.58
C GLU B 46 -25.23 -4.46 13.52
N TRP B 47 -25.29 -4.11 14.79
CA TRP B 47 -26.03 -4.92 15.75
C TRP B 47 -27.53 -4.63 15.62
N LEU B 48 -28.33 -5.69 15.46
CA LEU B 48 -29.75 -5.56 15.21
C LEU B 48 -30.61 -5.70 16.48
N GLY B 49 -30.35 -6.72 17.29
CA GLY B 49 -31.07 -6.91 18.53
C GLY B 49 -30.74 -8.24 19.19
N VAL B 50 -31.52 -8.59 20.22
CA VAL B 50 -31.20 -9.76 21.01
C VAL B 50 -32.47 -10.34 21.64
N ILE B 51 -32.51 -11.65 21.80
CA ILE B 51 -33.50 -12.27 22.67
C ILE B 51 -32.77 -12.90 23.86
N TRP B 52 -33.14 -12.46 25.05
CA TRP B 52 -32.50 -12.87 26.29
C TRP B 52 -32.98 -14.22 26.79
N SER B 53 -32.23 -14.82 27.70
CA SER B 53 -32.61 -16.09 28.34
C SER B 53 -34.10 -16.19 28.62
N GLY B 54 -34.65 -15.19 29.31
CA GLY B 54 -36.03 -15.20 29.74
C GLY B 54 -37.06 -14.72 28.73
N GLY B 55 -36.64 -14.48 27.49
CA GLY B 55 -37.58 -14.13 26.44
C GLY B 55 -37.76 -12.65 26.14
N ASN B 56 -37.18 -11.78 26.98
CA ASN B 56 -37.19 -10.35 26.71
C ASN B 56 -36.40 -10.03 25.45
N THR B 57 -36.83 -8.99 24.74
CA THR B 57 -36.13 -8.59 23.53
C THR B 57 -35.67 -7.12 23.60
N ASP B 58 -34.50 -6.85 23.04
CA ASP B 58 -34.06 -5.47 22.78
C ASP B 58 -33.77 -5.34 21.30
N TYR B 59 -34.28 -4.29 20.67
CA TYR B 59 -34.03 -4.03 19.26
C TYR B 59 -33.27 -2.71 19.05
N ASN B 60 -32.27 -2.72 18.18
CA ASN B 60 -31.55 -1.48 17.84
C ASN B 60 -32.52 -0.44 17.28
N THR B 61 -32.30 0.81 17.68
CA THR B 61 -33.23 1.94 17.42
C THR B 61 -33.89 2.04 16.03
N PRO B 62 -33.11 1.90 14.94
CA PRO B 62 -33.78 1.96 13.64
C PRO B 62 -34.61 0.71 13.28
N PHE B 63 -34.71 -0.26 14.17
CA PHE B 63 -35.39 -1.51 13.85
C PHE B 63 -36.55 -1.83 14.77
N THR B 64 -36.85 -0.91 15.69
CA THR B 64 -37.91 -1.09 16.69
C THR B 64 -39.25 -1.55 16.10
N SER B 65 -39.64 -0.96 14.97
CA SER B 65 -40.95 -1.19 14.40
C SER B 65 -41.01 -2.29 13.32
N ARG B 66 -39.86 -2.73 12.83
CA ARG B 66 -39.90 -3.75 11.80
C ARG B 66 -39.19 -5.04 12.17
N LEU B 67 -38.76 -5.16 13.41
CA LEU B 67 -38.02 -6.35 13.81
C LEU B 67 -38.76 -7.13 14.91
N SER B 68 -38.83 -8.44 14.73
CA SER B 68 -39.39 -9.31 15.75
C SER B 68 -38.48 -10.52 15.93
N ILE B 69 -38.07 -10.79 17.16
CA ILE B 69 -37.25 -11.96 17.45
C ILE B 69 -37.99 -12.87 18.43
N ASN B 70 -38.12 -14.14 18.06
CA ASN B 70 -38.78 -15.11 18.93
C ASN B 70 -37.95 -16.36 19.06
N LYS B 71 -38.32 -17.20 20.02
CA LYS B 71 -37.63 -18.46 20.17
C LYS B 71 -38.52 -19.58 20.68
N ASP B 72 -38.03 -20.79 20.48
CA ASP B 72 -38.63 -22.00 21.00
C ASP B 72 -37.50 -22.68 21.75
N ASN B 73 -37.53 -22.57 23.08
CA ASN B 73 -36.46 -23.10 23.92
C ASN B 73 -36.26 -24.60 23.73
N SER B 74 -37.35 -25.36 23.76
CA SER B 74 -37.28 -26.82 23.62
C SER B 74 -36.64 -27.25 22.30
N LYS B 75 -37.02 -26.58 21.21
CA LYS B 75 -36.45 -26.89 19.89
C LYS B 75 -35.11 -26.20 19.62
N SER B 76 -34.58 -25.51 20.63
CA SER B 76 -33.34 -24.75 20.50
C SER B 76 -33.34 -23.81 19.28
N GLN B 77 -34.50 -23.28 18.93
CA GLN B 77 -34.59 -22.41 17.76
C GLN B 77 -34.86 -20.95 18.11
N VAL B 78 -34.15 -20.04 17.45
CA VAL B 78 -34.44 -18.62 17.54
C VAL B 78 -34.91 -18.14 16.18
N PHE B 79 -36.01 -17.38 16.16
CA PHE B 79 -36.55 -16.89 14.91
C PHE B 79 -36.44 -15.38 14.75
N PHE B 80 -35.86 -14.98 13.63
CA PHE B 80 -35.63 -13.58 13.32
C PHE B 80 -36.64 -13.23 12.23
N LYS B 81 -37.28 -12.08 12.37
CA LYS B 81 -38.24 -11.63 11.37
C LYS B 81 -38.18 -10.12 11.20
N MET B 82 -37.96 -9.68 9.97
CA MET B 82 -37.87 -8.26 9.68
C MET B 82 -38.80 -7.89 8.53
N ASN B 83 -39.61 -6.86 8.73
CA ASN B 83 -40.61 -6.48 7.73
C ASN B 83 -40.08 -5.39 6.82
N SER B 84 -40.75 -5.23 5.68
CA SER B 84 -40.59 -4.06 4.83
C SER B 84 -39.14 -3.88 4.34
N LEU B 85 -38.56 -4.95 3.78
CA LEU B 85 -37.17 -4.88 3.35
C LEU B 85 -36.98 -4.03 2.09
N GLN B 86 -35.90 -3.27 2.05
CA GLN B 86 -35.57 -2.51 0.85
C GLN B 86 -34.22 -2.99 0.35
N SER B 87 -33.82 -2.45 -0.79
CA SER B 87 -32.58 -2.89 -1.45
C SER B 87 -31.41 -2.82 -0.50
N ASN B 88 -31.31 -1.75 0.25
CA ASN B 88 -30.13 -1.62 1.08
C ASN B 88 -30.22 -2.46 2.37
N ASP B 89 -31.25 -3.30 2.52
CA ASP B 89 -31.25 -4.33 3.54
C ASP B 89 -30.54 -5.59 3.08
N THR B 90 -30.10 -5.63 1.84
CA THR B 90 -29.27 -6.71 1.31
C THR B 90 -27.99 -6.77 2.14
N ALA B 91 -27.74 -7.92 2.76
CA ALA B 91 -26.67 -8.07 3.74
C ALA B 91 -26.53 -9.53 4.14
N ILE B 92 -25.44 -9.85 4.80
CA ILE B 92 -25.33 -11.17 5.41
C ILE B 92 -25.84 -11.04 6.84
N TYR B 93 -26.77 -11.92 7.22
CA TYR B 93 -27.35 -11.87 8.55
C TYR B 93 -26.81 -12.99 9.42
N TYR B 94 -26.42 -12.63 10.63
CA TYR B 94 -25.81 -13.56 11.57
C TYR B 94 -26.59 -13.63 12.87
N CYS B 95 -26.67 -14.82 13.44
CA CYS B 95 -26.98 -14.93 14.86
C CYS B 95 -25.67 -15.15 15.60
N ALA B 96 -25.63 -14.79 16.86
CA ALA B 96 -24.40 -14.91 17.63
C ALA B 96 -24.72 -15.08 19.10
N ARG B 97 -23.80 -15.68 19.83
CA ARG B 97 -23.93 -15.84 21.27
C ARG B 97 -22.71 -15.24 21.95
N ALA B 98 -22.93 -14.52 23.05
CA ALA B 98 -21.81 -13.99 23.83
C ALA B 98 -21.16 -15.04 24.73
N LEU B 99 -20.01 -14.71 25.32
CA LEU B 99 -19.31 -15.60 26.25
C LEU B 99 -20.12 -15.85 27.51
N THR B 100 -20.60 -14.76 28.11
CA THR B 100 -21.39 -14.85 29.33
C THR B 100 -22.83 -14.48 28.98
N TYR B 101 -23.77 -14.94 29.79
CA TYR B 101 -25.19 -14.79 29.46
C TYR B 101 -25.69 -13.35 29.26
N TYR B 102 -25.04 -12.38 29.90
CA TYR B 102 -25.55 -11.01 29.94
C TYR B 102 -24.77 -10.04 29.06
N ASP B 103 -23.73 -10.54 28.41
CA ASP B 103 -22.72 -9.69 27.77
C ASP B 103 -22.87 -9.69 26.23
N TYR B 104 -21.93 -9.03 25.56
CA TYR B 104 -22.03 -8.72 24.13
C TYR B 104 -20.73 -9.07 23.40
N GLU B 105 -19.91 -9.86 24.05
CA GLU B 105 -18.64 -10.34 23.52
C GLU B 105 -18.93 -11.57 22.66
N PHE B 106 -19.09 -11.35 21.35
CA PHE B 106 -19.59 -12.40 20.46
C PHE B 106 -18.55 -13.47 20.10
N ALA B 107 -18.57 -14.57 20.85
CA ALA B 107 -17.56 -15.61 20.73
C ALA B 107 -17.98 -16.73 19.79
N TYR B 108 -19.28 -16.82 19.54
CA TYR B 108 -19.82 -17.88 18.71
C TYR B 108 -20.79 -17.30 17.71
N TRP B 109 -20.61 -17.65 16.44
CA TRP B 109 -21.41 -17.10 15.35
C TRP B 109 -22.03 -18.17 14.48
N GLY B 110 -23.22 -17.90 13.95
CA GLY B 110 -23.77 -18.70 12.87
C GLY B 110 -22.96 -18.47 11.59
N GLN B 111 -23.18 -19.30 10.57
CA GLN B 111 -22.39 -19.20 9.35
C GLN B 111 -22.83 -18.04 8.48
N GLY B 112 -23.91 -17.39 8.90
CA GLY B 112 -24.45 -16.26 8.15
C GLY B 112 -25.48 -16.68 7.13
N THR B 113 -26.29 -15.72 6.72
CA THR B 113 -27.34 -15.94 5.76
C THR B 113 -27.31 -14.74 4.83
N LEU B 114 -26.96 -14.98 3.58
CA LEU B 114 -26.91 -13.90 2.61
C LEU B 114 -28.31 -13.65 2.08
N VAL B 115 -28.76 -12.41 2.26
CA VAL B 115 -30.11 -12.05 1.90
C VAL B 115 -30.06 -11.00 0.81
N THR B 116 -30.67 -11.29 -0.33
CA THR B 116 -30.70 -10.35 -1.42
C THR B 116 -32.11 -9.80 -1.57
N VAL B 117 -32.22 -8.47 -1.59
CA VAL B 117 -33.52 -7.85 -1.80
C VAL B 117 -33.61 -7.32 -3.23
N SER B 118 -34.56 -7.85 -3.98
CA SER B 118 -34.66 -7.57 -5.40
C SER B 118 -36.02 -8.07 -5.89
N ALA B 119 -36.53 -7.49 -6.97
CA ALA B 119 -37.80 -7.95 -7.55
C ALA B 119 -37.63 -9.11 -8.55
N ALA B 120 -36.39 -9.45 -8.85
CA ALA B 120 -36.08 -10.51 -9.82
C ALA B 120 -36.51 -11.91 -9.36
N SER B 121 -36.47 -12.86 -10.30
CA SER B 121 -36.76 -14.26 -10.02
C SER B 121 -35.46 -14.97 -9.72
N THR B 122 -35.57 -16.02 -8.92
CA THR B 122 -34.44 -16.88 -8.66
C THR B 122 -34.17 -17.69 -9.92
N LYS B 123 -32.89 -17.82 -10.28
CA LYS B 123 -32.52 -18.66 -11.40
C LYS B 123 -31.30 -19.50 -11.07
N GLY B 124 -31.42 -20.82 -11.25
CA GLY B 124 -30.31 -21.73 -11.05
C GLY B 124 -29.32 -21.59 -12.19
N PRO B 125 -28.05 -21.93 -11.92
CA PRO B 125 -26.99 -21.77 -12.91
C PRO B 125 -26.85 -22.97 -13.84
N SER B 126 -26.22 -22.74 -14.97
CA SER B 126 -25.67 -23.82 -15.77
C SER B 126 -24.20 -23.99 -15.38
N VAL B 127 -23.74 -25.24 -15.37
CA VAL B 127 -22.33 -25.53 -15.08
C VAL B 127 -21.64 -26.05 -16.33
N PHE B 128 -20.57 -25.38 -16.74
CA PHE B 128 -19.82 -25.82 -17.91
C PHE B 128 -18.37 -26.17 -17.55
N PRO B 129 -17.83 -27.22 -18.17
CA PRO B 129 -16.47 -27.61 -17.84
C PRO B 129 -15.43 -26.65 -18.42
N LEU B 130 -14.38 -26.38 -17.64
CA LEU B 130 -13.19 -25.74 -18.18
C LEU B 130 -12.16 -26.85 -18.28
N ALA B 131 -12.05 -27.39 -19.48
CA ALA B 131 -11.33 -28.63 -19.70
C ALA B 131 -9.81 -28.46 -19.74
N PRO B 132 -9.07 -29.35 -19.07
CA PRO B 132 -7.61 -29.33 -19.18
C PRO B 132 -7.16 -29.66 -20.60
N SER B 133 -6.04 -29.09 -21.02
CA SER B 133 -5.55 -29.27 -22.38
C SER B 133 -4.04 -29.07 -22.46
N SER B 134 -3.50 -29.02 -23.67
CA SER B 134 -2.12 -28.62 -23.89
C SER B 134 -1.96 -27.12 -23.61
N LYS B 135 -3.00 -26.35 -23.95
CA LYS B 135 -3.03 -24.91 -23.73
C LYS B 135 -3.43 -24.60 -22.28
N SER B 136 -3.47 -25.66 -21.46
CA SER B 136 -3.85 -25.58 -20.06
C SER B 136 -2.88 -26.39 -19.15
N THR B 137 -1.69 -26.69 -19.68
CA THR B 137 -0.66 -27.37 -18.90
C THR B 137 0.51 -26.44 -18.57
N SER B 138 1.36 -26.88 -17.64
CA SER B 138 2.48 -26.06 -17.16
C SER B 138 3.46 -26.92 -16.37
N GLY B 139 4.46 -27.44 -17.07
CA GLY B 139 5.48 -28.30 -16.47
C GLY B 139 4.90 -29.39 -15.59
N GLY B 140 4.17 -30.32 -16.20
CA GLY B 140 3.58 -31.43 -15.46
C GLY B 140 2.37 -31.11 -14.60
N THR B 141 1.85 -29.90 -14.73
CA THR B 141 0.69 -29.43 -13.96
C THR B 141 -0.45 -28.98 -14.87
N ALA B 142 -1.65 -29.50 -14.65
CA ALA B 142 -2.79 -29.15 -15.47
C ALA B 142 -3.78 -28.27 -14.69
N ALA B 143 -4.33 -27.26 -15.34
CA ALA B 143 -5.41 -26.49 -14.73
C ALA B 143 -6.74 -26.96 -15.27
N LEU B 144 -7.75 -27.02 -14.42
CA LEU B 144 -9.08 -27.35 -14.89
C LEU B 144 -10.10 -26.65 -14.01
N GLY B 145 -11.34 -26.60 -14.45
CA GLY B 145 -12.31 -25.85 -13.70
C GLY B 145 -13.75 -26.03 -14.13
N CYS B 146 -14.60 -25.23 -13.51
CA CYS B 146 -16.03 -25.19 -13.81
C CYS B 146 -16.48 -23.73 -13.97
N LEU B 147 -17.27 -23.50 -15.01
CA LEU B 147 -17.84 -22.19 -15.23
C LEU B 147 -19.28 -22.25 -14.75
N VAL B 148 -19.57 -21.47 -13.71
CA VAL B 148 -20.91 -21.49 -13.08
C VAL B 148 -21.65 -20.25 -13.49
N LYS B 149 -22.55 -20.39 -14.45
CA LYS B 149 -23.02 -19.25 -15.20
C LYS B 149 -24.52 -18.97 -15.08
N ASP B 150 -24.85 -17.68 -15.02
CA ASP B 150 -26.21 -17.19 -15.19
C ASP B 150 -27.17 -17.57 -14.07
N TYR B 151 -26.75 -17.34 -12.83
CA TYR B 151 -27.62 -17.61 -11.70
C TYR B 151 -28.00 -16.31 -10.96
N PHE B 152 -29.03 -16.39 -10.13
CA PHE B 152 -29.44 -15.29 -9.28
C PHE B 152 -30.34 -15.82 -8.17
N PRO B 153 -30.15 -15.32 -6.94
CA PRO B 153 -29.11 -14.39 -6.54
C PRO B 153 -27.91 -15.15 -6.01
N GLU B 154 -26.88 -14.43 -5.59
CA GLU B 154 -25.79 -15.00 -4.81
C GLU B 154 -26.41 -15.66 -3.57
N PRO B 155 -25.71 -16.66 -2.98
CA PRO B 155 -24.39 -17.16 -3.35
C PRO B 155 -24.49 -18.54 -3.97
N VAL B 156 -23.37 -19.00 -4.47
CA VAL B 156 -23.28 -20.39 -4.90
C VAL B 156 -22.07 -20.97 -4.21
N THR B 157 -22.21 -22.19 -3.68
CA THR B 157 -21.05 -22.89 -3.13
C THR B 157 -20.49 -23.85 -4.17
N VAL B 158 -19.17 -23.92 -4.21
CA VAL B 158 -18.49 -24.88 -5.06
C VAL B 158 -17.48 -25.62 -4.23
N SER B 159 -17.44 -26.93 -4.38
CA SER B 159 -16.38 -27.74 -3.82
C SER B 159 -15.93 -28.74 -4.89
N TRP B 160 -14.85 -29.45 -4.61
CA TRP B 160 -14.27 -30.38 -5.54
C TRP B 160 -14.18 -31.80 -4.96
N ASN B 161 -14.55 -32.78 -5.77
CA ASN B 161 -14.58 -34.19 -5.36
C ASN B 161 -15.20 -34.37 -3.98
N SER B 162 -16.41 -33.81 -3.81
CA SER B 162 -17.19 -33.89 -2.58
C SER B 162 -16.46 -33.49 -1.31
N GLY B 163 -15.65 -32.44 -1.38
CA GLY B 163 -14.91 -31.97 -0.22
C GLY B 163 -13.49 -32.48 -0.13
N ALA B 164 -13.21 -33.59 -0.81
CA ALA B 164 -11.90 -34.26 -0.70
C ALA B 164 -10.74 -33.53 -1.36
N LEU B 165 -11.03 -32.64 -2.32
CA LEU B 165 -9.98 -31.94 -3.07
C LEU B 165 -10.03 -30.46 -2.75
N THR B 166 -8.98 -29.95 -2.12
CA THR B 166 -8.96 -28.56 -1.64
C THR B 166 -7.67 -27.84 -2.02
N SER B 167 -6.58 -28.57 -2.03
CA SER B 167 -5.30 -28.02 -2.42
C SER B 167 -5.32 -27.49 -3.86
N GLY B 168 -4.93 -26.23 -4.05
CA GLY B 168 -4.87 -25.66 -5.38
C GLY B 168 -6.19 -25.19 -5.95
N VAL B 169 -7.26 -25.27 -5.15
CA VAL B 169 -8.56 -24.75 -5.57
C VAL B 169 -8.65 -23.23 -5.42
N HIS B 170 -9.11 -22.56 -6.47
CA HIS B 170 -9.50 -21.17 -6.39
C HIS B 170 -10.92 -21.02 -6.92
N THR B 171 -11.80 -20.52 -6.07
CA THR B 171 -13.14 -20.19 -6.48
C THR B 171 -13.25 -18.68 -6.48
N PHE B 172 -13.47 -18.12 -7.65
CA PHE B 172 -13.41 -16.67 -7.83
C PHE B 172 -14.69 -16.01 -7.36
N PRO B 173 -14.58 -14.74 -6.93
CA PRO B 173 -15.79 -14.00 -6.58
C PRO B 173 -16.67 -13.92 -7.81
N ALA B 174 -17.98 -14.09 -7.61
CA ALA B 174 -18.96 -13.89 -8.68
C ALA B 174 -18.94 -12.48 -9.24
N VAL B 175 -19.12 -12.36 -10.54
CA VAL B 175 -19.28 -11.05 -11.16
C VAL B 175 -20.69 -10.94 -11.68
N LEU B 176 -21.24 -9.75 -11.59
CA LEU B 176 -22.57 -9.50 -12.10
C LEU B 176 -22.50 -9.13 -13.58
N GLN B 177 -23.15 -9.92 -14.42
CA GLN B 177 -23.20 -9.65 -15.86
C GLN B 177 -24.27 -8.60 -16.19
N SER B 178 -24.25 -8.06 -17.41
CA SER B 178 -25.21 -7.00 -17.78
C SER B 178 -26.65 -7.51 -17.77
N SER B 179 -26.81 -8.82 -17.91
CA SER B 179 -28.10 -9.44 -17.81
C SER B 179 -28.65 -9.35 -16.38
N GLY B 180 -27.79 -9.00 -15.43
CA GLY B 180 -28.20 -8.99 -14.04
C GLY B 180 -28.15 -10.38 -13.42
N LEU B 181 -27.59 -11.33 -14.17
CA LEU B 181 -27.32 -12.65 -13.63
C LEU B 181 -25.84 -12.70 -13.27
N TYR B 182 -25.53 -13.52 -12.28
CA TYR B 182 -24.16 -13.68 -11.82
C TYR B 182 -23.47 -14.81 -12.54
N SER B 183 -22.15 -14.78 -12.46
CA SER B 183 -21.33 -15.83 -13.00
C SER B 183 -20.02 -15.91 -12.21
N LEU B 184 -19.54 -17.14 -11.98
CA LEU B 184 -18.21 -17.34 -11.43
C LEU B 184 -17.52 -18.58 -11.98
N SER B 185 -16.21 -18.61 -11.84
CA SER B 185 -15.45 -19.82 -12.13
C SER B 185 -14.80 -20.33 -10.88
N SER B 186 -14.56 -21.64 -10.88
CA SER B 186 -13.77 -22.31 -9.87
C SER B 186 -12.76 -23.16 -10.61
N VAL B 187 -11.50 -23.01 -10.25
CA VAL B 187 -10.42 -23.75 -10.91
C VAL B 187 -9.61 -24.50 -9.88
N VAL B 188 -8.85 -25.48 -10.36
CA VAL B 188 -7.95 -26.22 -9.50
C VAL B 188 -6.83 -26.68 -10.40
N THR B 189 -5.62 -26.71 -9.86
CA THR B 189 -4.47 -27.28 -10.57
C THR B 189 -4.11 -28.63 -9.97
N VAL B 190 -3.87 -29.60 -10.84
CA VAL B 190 -3.60 -30.96 -10.44
C VAL B 190 -2.43 -31.46 -11.27
N PRO B 191 -1.81 -32.58 -10.86
CA PRO B 191 -0.75 -33.17 -11.70
C PRO B 191 -1.33 -33.64 -13.04
N SER B 192 -0.68 -33.30 -14.14
CA SER B 192 -1.11 -33.79 -15.46
C SER B 192 -1.34 -35.30 -15.49
N SER B 193 -0.49 -36.07 -14.81
CA SER B 193 -0.54 -37.53 -14.89
C SER B 193 -1.74 -38.13 -14.16
N SER B 194 -2.40 -37.33 -13.33
CA SER B 194 -3.55 -37.84 -12.61
C SER B 194 -4.84 -37.69 -13.43
N LEU B 195 -4.76 -37.02 -14.57
CA LEU B 195 -5.93 -36.84 -15.43
C LEU B 195 -6.50 -38.15 -15.97
N GLY B 196 -5.66 -39.18 -16.06
CA GLY B 196 -6.10 -40.48 -16.54
C GLY B 196 -6.60 -41.41 -15.44
N THR B 197 -6.19 -41.14 -14.21
CA THR B 197 -6.50 -42.00 -13.07
C THR B 197 -7.62 -41.45 -12.17
N GLN B 198 -7.58 -40.15 -11.93
CA GLN B 198 -8.46 -39.51 -10.96
C GLN B 198 -9.65 -38.91 -11.68
N THR B 199 -10.82 -38.92 -11.06
CA THR B 199 -11.94 -38.18 -11.62
C THR B 199 -11.97 -36.79 -10.98
N TYR B 200 -12.39 -35.79 -11.75
CA TYR B 200 -12.53 -34.46 -11.16
C TYR B 200 -13.94 -33.93 -11.34
N ILE B 201 -14.56 -33.59 -10.23
CA ILE B 201 -15.94 -33.17 -10.21
C ILE B 201 -16.09 -31.92 -9.39
N CYS B 202 -16.66 -30.88 -9.97
CA CYS B 202 -16.99 -29.73 -9.15
C CYS B 202 -18.42 -29.92 -8.67
N ASN B 203 -18.64 -29.74 -7.37
CA ASN B 203 -19.97 -29.88 -6.80
C ASN B 203 -20.54 -28.49 -6.62
N VAL B 204 -21.54 -28.17 -7.41
CA VAL B 204 -22.14 -26.84 -7.39
C VAL B 204 -23.47 -26.87 -6.67
N ASN B 205 -23.67 -25.93 -5.74
CA ASN B 205 -24.93 -25.84 -5.03
C ASN B 205 -25.44 -24.42 -5.02
N HIS B 206 -26.55 -24.17 -5.71
CA HIS B 206 -27.19 -22.86 -5.65
C HIS B 206 -28.47 -23.00 -4.84
N LYS B 207 -28.32 -22.84 -3.53
CA LYS B 207 -29.42 -23.01 -2.58
C LYS B 207 -30.69 -22.19 -2.80
N PRO B 208 -30.58 -20.92 -3.22
CA PRO B 208 -31.82 -20.15 -3.45
C PRO B 208 -32.75 -20.73 -4.53
N SER B 209 -32.24 -21.56 -5.41
CA SER B 209 -33.08 -22.16 -6.45
C SER B 209 -33.10 -23.65 -6.26
N ASN B 210 -32.47 -24.11 -5.18
CA ASN B 210 -32.27 -25.53 -4.92
C ASN B 210 -31.67 -26.31 -6.10
N THR B 211 -30.70 -25.72 -6.78
CA THR B 211 -30.04 -26.39 -7.88
C THR B 211 -28.69 -27.00 -7.46
N LYS B 212 -28.62 -28.33 -7.49
CA LYS B 212 -27.36 -29.03 -7.23
C LYS B 212 -26.91 -29.75 -8.48
N VAL B 213 -25.70 -29.41 -8.94
CA VAL B 213 -25.12 -30.02 -10.13
C VAL B 213 -23.72 -30.53 -9.79
N ASP B 214 -23.43 -31.75 -10.19
CA ASP B 214 -22.07 -32.27 -10.14
C ASP B 214 -21.59 -32.35 -11.57
N LYS B 215 -20.55 -31.59 -11.87
CA LYS B 215 -20.04 -31.56 -13.23
C LYS B 215 -18.71 -32.28 -13.28
N ARG B 216 -18.66 -33.37 -14.03
CA ARG B 216 -17.40 -34.05 -14.30
C ARG B 216 -16.59 -33.22 -15.31
N VAL B 217 -15.30 -33.03 -15.04
CA VAL B 217 -14.47 -32.25 -15.94
C VAL B 217 -13.31 -33.08 -16.47
N GLU B 218 -13.27 -33.26 -17.79
CA GLU B 218 -12.33 -34.19 -18.45
C GLU B 218 -11.52 -33.48 -19.52
N PRO B 219 -10.36 -34.04 -19.88
CA PRO B 219 -9.61 -33.50 -21.01
C PRO B 219 -10.43 -33.64 -22.29
N LYS B 220 -10.42 -32.64 -23.16
CA LYS B 220 -11.27 -32.68 -24.35
C LYS B 220 -10.65 -33.44 -25.51
N ASP C 1 16.55 4.17 27.67
CA ASP C 1 15.91 5.08 26.72
C ASP C 1 14.45 4.74 26.46
N ILE C 2 13.62 5.76 26.33
CA ILE C 2 12.24 5.56 25.92
C ILE C 2 12.22 5.19 24.45
N LEU C 3 11.54 4.09 24.13
CA LEU C 3 11.34 3.71 22.74
C LEU C 3 10.00 4.27 22.24
N LEU C 4 10.03 4.85 21.06
CA LEU C 4 8.83 5.42 20.48
C LEU C 4 8.43 4.59 19.27
N THR C 5 7.24 4.00 19.31
CA THR C 5 6.76 3.22 18.19
C THR C 5 5.70 3.96 17.36
N GLN C 6 6.02 4.22 16.09
CA GLN C 6 5.09 4.85 15.17
C GLN C 6 4.48 3.85 14.20
N SER C 7 3.16 3.66 14.30
CA SER C 7 2.45 2.78 13.40
C SER C 7 1.37 3.55 12.65
N PRO C 8 1.14 3.18 11.38
CA PRO C 8 2.00 2.25 10.64
C PRO C 8 3.16 3.03 10.04
N VAL C 9 3.92 2.38 9.19
CA VAL C 9 5.10 3.00 8.59
C VAL C 9 4.73 3.87 7.41
N ILE C 10 3.68 3.47 6.71
CA ILE C 10 3.20 4.15 5.51
C ILE C 10 1.73 4.46 5.71
N LEU C 11 1.33 5.71 5.45
CA LEU C 11 -0.09 6.06 5.45
C LEU C 11 -0.51 6.57 4.08
N SER C 12 -1.49 5.90 3.49
CA SER C 12 -1.98 6.27 2.16
C SER C 12 -3.43 6.75 2.26
N VAL C 13 -3.68 7.98 1.80
CA VAL C 13 -4.90 8.69 2.15
C VAL C 13 -5.37 9.59 0.99
N SER C 14 -6.68 9.72 0.80
CA SER C 14 -7.22 10.63 -0.22
C SER C 14 -7.28 12.05 0.35
N PRO C 15 -7.22 13.07 -0.52
CA PRO C 15 -7.22 14.43 0.02
C PRO C 15 -8.58 14.76 0.66
N GLY C 16 -8.55 15.55 1.74
CA GLY C 16 -9.79 15.90 2.41
C GLY C 16 -10.08 15.00 3.60
N GLU C 17 -9.56 13.77 3.55
CA GLU C 17 -9.73 12.84 4.67
C GLU C 17 -9.05 13.35 5.94
N ARG C 18 -9.43 12.77 7.07
CA ARG C 18 -8.73 13.01 8.32
C ARG C 18 -7.62 11.96 8.44
N VAL C 19 -6.43 12.41 8.81
CA VAL C 19 -5.28 11.53 8.94
C VAL C 19 -4.83 11.46 10.39
N SER C 20 -4.62 10.25 10.89
CA SER C 20 -4.11 10.07 12.25
C SER C 20 -2.83 9.25 12.31
N PHE C 21 -1.78 9.87 12.84
CA PHE C 21 -0.50 9.21 13.03
C PHE C 21 -0.42 8.74 14.46
N SER C 22 -0.03 7.48 14.64
CA SER C 22 0.08 6.88 15.96
C SER C 22 1.51 6.94 16.48
N CYS C 23 1.68 7.22 17.76
CA CYS C 23 3.00 7.18 18.40
C CYS C 23 2.89 6.59 19.80
N ARG C 24 3.45 5.40 19.99
CA ARG C 24 3.34 4.71 21.26
C ARG C 24 4.67 4.74 22.00
N ALA C 25 4.63 5.19 23.26
CA ALA C 25 5.81 5.24 24.10
C ALA C 25 6.00 3.93 24.82
N SER C 26 7.25 3.51 24.99
CA SER C 26 7.57 2.23 25.64
C SER C 26 7.22 2.23 27.13
N GLN C 27 7.00 3.41 27.69
CA GLN C 27 6.46 3.57 29.05
C GLN C 27 5.88 4.98 29.16
N SER C 28 5.20 5.28 30.26
CA SER C 28 4.53 6.58 30.38
C SER C 28 5.48 7.77 30.32
N ILE C 29 5.02 8.82 29.64
CA ILE C 29 5.79 10.03 29.41
C ILE C 29 4.92 11.30 29.57
N GLY C 30 3.83 11.19 30.33
CA GLY C 30 2.92 12.30 30.54
C GLY C 30 2.39 12.85 29.22
N THR C 31 2.58 14.14 28.99
CA THR C 31 2.28 14.74 27.69
C THR C 31 3.53 15.32 27.04
N ASN C 32 4.68 14.74 27.37
CA ASN C 32 5.96 15.28 26.89
C ASN C 32 6.34 14.69 25.54
N ILE C 33 5.50 14.96 24.54
CA ILE C 33 5.71 14.47 23.19
C ILE C 33 5.65 15.67 22.23
N HIS C 34 6.55 15.70 21.24
CA HIS C 34 6.53 16.75 20.22
C HIS C 34 6.48 16.10 18.84
N TRP C 35 5.83 16.74 17.88
CA TRP C 35 5.72 16.17 16.55
C TRP C 35 6.42 17.05 15.51
N TYR C 36 6.93 16.40 14.47
CA TYR C 36 7.67 17.10 13.43
C TYR C 36 7.27 16.64 12.04
N GLN C 37 7.36 17.57 11.09
CA GLN C 37 7.17 17.25 9.69
C GLN C 37 8.49 17.40 8.96
N GLN C 38 8.79 16.48 8.04
CA GLN C 38 9.99 16.59 7.22
C GLN C 38 9.67 16.40 5.76
N ARG C 39 9.97 17.41 4.96
CA ARG C 39 9.77 17.36 3.51
C ARG C 39 11.10 17.07 2.82
N THR C 40 11.05 16.70 1.54
CA THR C 40 12.26 16.47 0.75
C THR C 40 13.20 17.67 0.80
N ASN C 41 14.48 17.43 1.09
CA ASN C 41 15.51 18.49 1.19
C ASN C 41 15.28 19.48 2.32
N GLY C 42 14.49 19.12 3.31
CA GLY C 42 14.16 20.02 4.40
C GLY C 42 14.51 19.45 5.77
N SER C 43 14.86 20.34 6.68
CA SER C 43 14.99 19.98 8.07
C SER C 43 13.61 19.61 8.64
N PRO C 44 13.57 18.91 9.76
CA PRO C 44 12.29 18.68 10.43
C PRO C 44 11.64 20.00 10.82
N ARG C 45 10.31 20.07 10.70
CA ARG C 45 9.59 21.26 11.10
C ARG C 45 8.65 20.93 12.26
N LEU C 46 8.80 21.67 13.36
CA LEU C 46 7.99 21.49 14.56
C LEU C 46 6.51 21.88 14.32
N LEU C 47 5.62 20.93 14.58
CA LEU C 47 4.18 21.07 14.31
C LEU C 47 3.35 21.23 15.56
N ILE C 48 3.66 20.40 16.56
CA ILE C 48 2.92 20.33 17.80
C ILE C 48 3.95 20.13 18.93
N LYS C 49 3.74 20.80 20.06
CA LYS C 49 4.59 20.57 21.21
C LYS C 49 3.73 20.13 22.38
N TYR C 50 4.31 19.35 23.27
CA TYR C 50 3.63 18.95 24.51
C TYR C 50 2.24 18.31 24.26
N ALA C 51 2.21 17.40 23.28
CA ALA C 51 1.02 16.62 22.92
C ALA C 51 -0.01 17.36 22.07
N SER C 52 -0.34 18.59 22.46
CA SER C 52 -1.54 19.21 21.90
C SER C 52 -1.42 20.70 21.66
N GLU C 53 -0.26 21.26 22.00
CA GLU C 53 -0.08 22.72 21.94
C GLU C 53 0.41 23.17 20.57
N SER C 54 -0.20 24.23 20.06
CA SER C 54 0.09 24.68 18.70
C SER C 54 1.37 25.52 18.59
N ILE C 55 1.90 25.59 17.37
CA ILE C 55 3.15 26.26 17.10
C ILE C 55 2.86 27.37 16.09
N SER C 56 3.55 28.50 16.24
CA SER C 56 3.28 29.67 15.40
C SER C 56 3.57 29.41 13.92
N GLY C 57 2.55 29.58 13.09
CA GLY C 57 2.72 29.48 11.65
C GLY C 57 2.40 28.11 11.09
N ILE C 58 1.96 27.20 11.95
CA ILE C 58 1.53 25.89 11.49
C ILE C 58 0.03 25.91 11.20
N PRO C 59 -0.36 25.40 10.03
CA PRO C 59 -1.78 25.36 9.63
C PRO C 59 -2.66 24.73 10.72
N SER C 60 -3.82 25.35 10.92
CA SER C 60 -4.73 24.95 11.99
C SER C 60 -5.27 23.53 11.84
N ARG C 61 -5.10 22.94 10.67
CA ARG C 61 -5.60 21.58 10.40
C ARG C 61 -4.75 20.53 11.11
N PHE C 62 -3.56 20.94 11.54
CA PHE C 62 -2.73 20.11 12.41
C PHE C 62 -3.17 20.21 13.87
N SER C 63 -3.39 19.07 14.50
CA SER C 63 -3.54 19.02 15.96
C SER C 63 -2.92 17.73 16.50
N GLY C 64 -2.79 17.64 17.82
CA GLY C 64 -2.32 16.43 18.46
C GLY C 64 -3.07 16.15 19.75
N SER C 65 -3.06 14.90 20.19
CA SER C 65 -3.70 14.55 21.45
C SER C 65 -3.10 13.30 22.07
N GLY C 66 -3.43 13.06 23.33
CA GLY C 66 -2.97 11.87 24.03
C GLY C 66 -2.24 12.21 25.33
N SER C 67 -2.10 11.19 26.18
CA SER C 67 -1.29 11.30 27.38
C SER C 67 -0.90 9.91 27.81
N GLY C 68 0.22 9.79 28.51
CA GLY C 68 0.69 8.50 28.98
C GLY C 68 1.55 7.80 27.97
N THR C 69 0.95 6.94 27.16
CA THR C 69 1.72 6.13 26.23
C THR C 69 1.24 6.23 24.79
N ASP C 70 -0.04 6.54 24.60
CA ASP C 70 -0.64 6.58 23.27
C ASP C 70 -0.89 8.00 22.81
N PHE C 71 -0.23 8.38 21.71
CA PHE C 71 -0.32 9.75 21.21
C PHE C 71 -0.75 9.79 19.75
N THR C 72 -1.43 10.87 19.38
CA THR C 72 -1.96 11.01 18.03
C THR C 72 -1.66 12.38 17.45
N LEU C 73 -1.16 12.39 16.22
CA LEU C 73 -1.04 13.63 15.45
C LEU C 73 -2.17 13.60 14.42
N SER C 74 -2.95 14.68 14.37
CA SER C 74 -4.12 14.70 13.49
C SER C 74 -4.04 15.78 12.42
N ILE C 75 -4.43 15.40 11.21
CA ILE C 75 -4.68 16.39 10.16
C ILE C 75 -6.11 16.20 9.72
N ASN C 76 -6.96 17.21 9.99
CA ASN C 76 -8.40 17.05 9.78
C ASN C 76 -8.84 16.92 8.31
N SER C 77 -8.18 17.66 7.43
CA SER C 77 -8.49 17.59 6.01
C SER C 77 -7.20 17.68 5.21
N VAL C 78 -6.57 16.53 4.99
CA VAL C 78 -5.23 16.44 4.43
C VAL C 78 -5.11 17.03 3.02
N GLU C 79 -4.09 17.85 2.80
CA GLU C 79 -3.87 18.45 1.50
C GLU C 79 -2.59 17.89 0.86
N SER C 80 -2.38 18.24 -0.40
CA SER C 80 -1.20 17.78 -1.12
C SER C 80 0.08 18.36 -0.50
N GLU C 81 0.00 19.55 0.07
CA GLU C 81 1.12 20.15 0.78
C GLU C 81 1.66 19.23 1.89
N ASP C 82 0.78 18.43 2.49
CA ASP C 82 1.12 17.64 3.66
C ASP C 82 1.92 16.37 3.38
N ILE C 83 2.04 16.01 2.11
CA ILE C 83 2.91 14.91 1.70
C ILE C 83 4.32 15.11 2.28
N ALA C 84 4.70 14.26 3.22
CA ALA C 84 5.96 14.39 3.94
C ALA C 84 6.11 13.21 4.89
N ASP C 85 7.21 13.17 5.64
CA ASP C 85 7.35 12.21 6.74
C ASP C 85 7.07 12.89 8.08
N TYR C 86 6.55 12.13 9.03
CA TYR C 86 6.14 12.67 10.32
C TYR C 86 6.76 11.92 11.49
N TYR C 87 7.37 12.66 12.42
CA TYR C 87 8.06 12.05 13.55
C TYR C 87 7.50 12.54 14.87
N CYS C 88 7.52 11.67 15.88
CA CYS C 88 7.28 12.13 17.23
C CYS C 88 8.58 12.11 18.02
N GLN C 89 8.63 12.90 19.09
CA GLN C 89 9.79 13.00 19.98
C GLN C 89 9.29 13.07 21.43
N GLN C 90 9.92 12.28 22.30
CA GLN C 90 9.59 12.36 23.73
C GLN C 90 10.69 13.09 24.50
N ASN C 91 10.32 13.81 25.55
CA ASN C 91 11.33 14.36 26.45
C ASN C 91 10.92 14.35 27.92
N ASN C 92 10.23 13.30 28.32
CA ASN C 92 9.96 13.08 29.74
C ASN C 92 11.15 12.39 30.42
N ASN C 93 11.95 11.68 29.63
CA ASN C 93 13.10 10.96 30.16
C ASN C 93 14.35 11.26 29.35
N TRP C 94 15.41 11.64 30.03
CA TRP C 94 16.67 11.88 29.37
C TRP C 94 17.22 10.54 28.90
N PRO C 95 17.77 10.49 27.67
CA PRO C 95 17.81 11.60 26.73
C PRO C 95 16.54 11.67 25.90
N THR C 96 16.29 12.82 25.29
CA THR C 96 15.20 12.91 24.34
C THR C 96 15.42 11.88 23.20
N THR C 97 14.35 11.21 22.78
CA THR C 97 14.43 10.21 21.73
C THR C 97 13.33 10.42 20.70
N PHE C 98 13.54 9.92 19.49
CA PHE C 98 12.60 10.09 18.39
C PHE C 98 12.03 8.74 17.93
N GLY C 99 10.83 8.77 17.36
CA GLY C 99 10.27 7.61 16.69
C GLY C 99 10.88 7.42 15.31
N ALA C 100 10.59 6.30 14.65
CA ALA C 100 11.18 5.99 13.36
C ALA C 100 10.48 6.68 12.18
N GLY C 101 9.27 7.18 12.43
CA GLY C 101 8.55 7.99 11.46
C GLY C 101 7.42 7.27 10.76
N THR C 102 6.59 8.04 10.07
CA THR C 102 5.52 7.52 9.23
C THR C 102 5.52 8.37 7.97
N LYS C 103 5.57 7.73 6.80
CA LYS C 103 5.48 8.46 5.54
C LYS C 103 4.02 8.69 5.19
N LEU C 104 3.74 9.82 4.58
CA LEU C 104 2.37 10.12 4.15
C LEU C 104 2.33 10.26 2.64
N GLU C 105 1.54 9.40 1.99
CA GLU C 105 1.30 9.52 0.56
C GLU C 105 -0.18 9.81 0.30
N LEU C 106 -0.46 10.47 -0.81
CA LEU C 106 -1.81 10.82 -1.18
C LEU C 106 -2.31 9.95 -2.32
N LYS C 107 -3.59 9.58 -2.24
CA LYS C 107 -4.25 8.88 -3.33
C LYS C 107 -4.52 9.89 -4.44
N ARG C 108 -4.58 9.41 -5.67
CA ARG C 108 -5.09 10.22 -6.75
C ARG C 108 -5.43 9.28 -7.87
N THR C 109 -6.04 9.79 -8.93
CA THR C 109 -6.44 8.95 -10.05
C THR C 109 -5.20 8.48 -10.78
N VAL C 110 -5.34 7.38 -11.51
CA VAL C 110 -4.27 6.86 -12.34
C VAL C 110 -3.89 7.87 -13.41
N ALA C 111 -2.59 8.10 -13.57
CA ALA C 111 -2.07 8.94 -14.63
C ALA C 111 -0.91 8.23 -15.32
N ALA C 112 -1.00 8.09 -16.64
CA ALA C 112 0.05 7.44 -17.42
C ALA C 112 1.28 8.34 -17.46
N PRO C 113 2.46 7.73 -17.49
CA PRO C 113 3.70 8.50 -17.59
C PRO C 113 3.90 9.02 -18.98
N SER C 114 4.36 10.26 -19.11
CA SER C 114 4.87 10.76 -20.36
C SER C 114 6.34 10.31 -20.50
N VAL C 115 6.68 9.76 -21.65
CA VAL C 115 7.97 9.10 -21.80
C VAL C 115 8.89 9.88 -22.72
N PHE C 116 10.14 10.01 -22.32
CA PHE C 116 11.13 10.69 -23.16
C PHE C 116 12.42 9.88 -23.17
N ILE C 117 13.04 9.76 -24.34
CA ILE C 117 14.33 9.10 -24.46
C ILE C 117 15.41 10.12 -24.80
N PHE C 118 16.60 9.94 -24.23
CA PHE C 118 17.71 10.85 -24.46
C PHE C 118 18.96 10.08 -24.83
N PRO C 119 19.52 10.37 -26.01
CA PRO C 119 20.80 9.79 -26.48
C PRO C 119 21.93 10.33 -25.65
N PRO C 120 23.04 9.59 -25.59
CA PRO C 120 24.24 10.15 -24.96
C PRO C 120 24.71 11.35 -25.76
N SER C 121 25.36 12.30 -25.10
CA SER C 121 25.93 13.45 -25.79
C SER C 121 27.28 13.06 -26.38
N ASP C 122 27.66 13.76 -27.43
CA ASP C 122 29.00 13.61 -28.01
C ASP C 122 30.08 13.86 -26.96
N GLU C 123 29.83 14.84 -26.09
CA GLU C 123 30.76 15.18 -25.02
CA GLU C 123 30.80 15.17 -25.04
C GLU C 123 31.11 13.97 -24.15
N GLN C 124 30.08 13.24 -23.73
CA GLN C 124 30.30 12.07 -22.88
C GLN C 124 31.09 10.98 -23.62
N LEU C 125 30.77 10.78 -24.89
CA LEU C 125 31.39 9.69 -25.68
C LEU C 125 32.92 9.75 -25.66
N LYS C 126 33.46 10.96 -25.60
CA LYS C 126 34.90 11.19 -25.45
C LYS C 126 35.49 10.44 -24.24
N SER C 127 34.65 10.13 -23.26
CA SER C 127 35.11 9.50 -22.03
C SER C 127 35.17 7.95 -22.10
N GLY C 128 34.56 7.38 -23.13
CA GLY C 128 34.56 5.93 -23.29
C GLY C 128 33.27 5.26 -22.85
N THR C 129 32.31 6.10 -22.41
CA THR C 129 31.05 5.62 -21.86
C THR C 129 29.82 6.34 -22.45
N ALA C 130 28.76 5.59 -22.70
CA ALA C 130 27.50 6.15 -23.18
C ALA C 130 26.40 5.97 -22.16
N SER C 131 25.79 7.05 -21.73
CA SER C 131 24.60 6.92 -20.89
C SER C 131 23.34 7.20 -21.71
N VAL C 132 22.44 6.22 -21.76
CA VAL C 132 21.15 6.44 -22.39
C VAL C 132 20.07 6.57 -21.31
N VAL C 133 19.28 7.63 -21.37
CA VAL C 133 18.37 7.97 -20.30
C VAL C 133 16.94 7.98 -20.80
N CYS C 134 16.06 7.34 -20.05
CA CYS C 134 14.63 7.33 -20.32
C CYS C 134 13.93 8.02 -19.15
N LEU C 135 13.08 8.99 -19.46
CA LEU C 135 12.32 9.71 -18.46
C LEU C 135 10.86 9.28 -18.50
N LEU C 136 10.33 8.90 -17.34
CA LEU C 136 8.91 8.63 -17.15
C LEU C 136 8.36 9.74 -16.28
N ASN C 137 7.52 10.61 -16.84
CA ASN C 137 7.20 11.84 -16.14
C ASN C 137 5.77 11.85 -15.60
N ASN C 138 5.63 12.26 -14.34
CA ASN C 138 4.37 12.61 -13.69
C ASN C 138 3.28 11.54 -13.85
N PHE C 139 3.51 10.40 -13.18
CA PHE C 139 2.61 9.25 -13.29
C PHE C 139 2.18 8.76 -11.91
N TYR C 140 1.12 7.97 -11.90
CA TYR C 140 0.59 7.39 -10.67
C TYR C 140 -0.22 6.15 -11.02
N PRO C 141 -0.07 5.08 -10.24
CA PRO C 141 0.74 4.99 -9.01
C PRO C 141 2.22 4.74 -9.30
N ARG C 142 2.99 4.55 -8.22
CA ARG C 142 4.45 4.54 -8.27
C ARG C 142 5.06 3.41 -9.13
N GLU C 143 4.42 2.25 -9.17
CA GLU C 143 5.00 1.14 -9.92
C GLU C 143 4.95 1.30 -11.45
N ALA C 144 6.11 1.15 -12.06
CA ALA C 144 6.29 1.30 -13.50
C ALA C 144 7.39 0.37 -13.92
N LYS C 145 7.35 -0.09 -15.16
CA LYS C 145 8.42 -0.95 -15.67
C LYS C 145 9.04 -0.34 -16.94
N VAL C 146 10.37 -0.25 -16.93
CA VAL C 146 11.14 0.22 -18.07
C VAL C 146 11.99 -0.94 -18.58
N GLN C 147 11.87 -1.26 -19.85
CA GLN C 147 12.80 -2.19 -20.48
C GLN C 147 13.59 -1.51 -21.58
N TRP C 148 14.91 -1.72 -21.59
CA TRP C 148 15.76 -1.21 -22.64
C TRP C 148 16.02 -2.28 -23.69
N LYS C 149 15.80 -1.90 -24.95
CA LYS C 149 16.20 -2.75 -26.06
C LYS C 149 17.19 -2.03 -26.97
N VAL C 150 18.28 -2.70 -27.29
CA VAL C 150 19.30 -2.22 -28.21
C VAL C 150 19.32 -3.17 -29.42
N ASP C 151 19.03 -2.63 -30.60
CA ASP C 151 18.76 -3.46 -31.79
C ASP C 151 17.90 -4.67 -31.46
N ASN C 152 16.91 -4.45 -30.59
CA ASN C 152 15.92 -5.44 -30.20
C ASN C 152 16.39 -6.51 -29.20
N ALA C 153 17.60 -6.33 -28.66
CA ALA C 153 18.04 -7.23 -27.58
C ALA C 153 17.69 -6.58 -26.27
N LEU C 154 16.99 -7.33 -25.44
CA LEU C 154 16.62 -6.86 -24.12
C LEU C 154 17.87 -6.71 -23.26
N GLN C 155 18.05 -5.51 -22.71
CA GLN C 155 19.20 -5.25 -21.83
C GLN C 155 18.90 -5.70 -20.40
N SER C 156 19.89 -6.30 -19.76
CA SER C 156 19.72 -6.72 -18.38
C SER C 156 21.01 -6.54 -17.60
N GLY C 157 20.92 -5.79 -16.50
CA GLY C 157 22.05 -5.61 -15.61
C GLY C 157 22.86 -4.36 -15.88
N ASN C 158 22.49 -3.58 -16.88
CA ASN C 158 23.22 -2.36 -17.19
C ASN C 158 22.34 -1.10 -17.12
N SER C 159 21.30 -1.17 -16.29
CA SER C 159 20.42 -0.03 -16.10
C SER C 159 20.17 0.23 -14.61
N GLN C 160 19.96 1.48 -14.26
CA GLN C 160 19.66 1.85 -12.88
C GLN C 160 18.54 2.87 -12.89
N GLU C 161 17.65 2.74 -11.90
CA GLU C 161 16.47 3.58 -11.82
C GLU C 161 16.49 4.46 -10.58
N SER C 162 15.80 5.60 -10.67
CA SER C 162 15.64 6.52 -9.57
C SER C 162 14.23 7.11 -9.68
N VAL C 163 13.53 7.17 -8.56
CA VAL C 163 12.18 7.69 -8.52
C VAL C 163 12.09 8.85 -7.54
N THR C 164 11.45 9.95 -7.94
CA THR C 164 11.27 11.08 -7.04
C THR C 164 10.20 10.72 -6.03
N GLU C 165 10.15 11.45 -4.93
CA GLU C 165 9.05 11.33 -4.00
C GLU C 165 7.79 11.93 -4.62
N GLN C 166 6.64 11.66 -4.01
CA GLN C 166 5.38 12.16 -4.55
C GLN C 166 5.37 13.67 -4.52
N ASP C 167 5.06 14.27 -5.67
CA ASP C 167 5.05 15.71 -5.85
C ASP C 167 4.01 16.40 -4.96
N SER C 168 4.41 17.47 -4.29
CA SER C 168 3.54 18.12 -3.31
C SER C 168 2.39 18.84 -3.99
N LYS C 169 2.46 18.96 -5.31
CA LYS C 169 1.42 19.66 -6.06
C LYS C 169 0.40 18.72 -6.73
N ASP C 170 0.86 17.82 -7.61
CA ASP C 170 -0.06 16.99 -8.39
C ASP C 170 -0.14 15.54 -7.92
N SER C 171 0.65 15.24 -6.89
CA SER C 171 0.68 13.89 -6.31
C SER C 171 1.18 12.77 -7.24
N THR C 172 2.00 13.13 -8.23
CA THR C 172 2.56 12.12 -9.12
C THR C 172 4.01 11.79 -8.79
N TYR C 173 4.51 10.72 -9.40
CA TYR C 173 5.89 10.37 -9.31
C TYR C 173 6.54 10.57 -10.66
N SER C 174 7.86 10.69 -10.67
CA SER C 174 8.62 10.62 -11.90
C SER C 174 9.79 9.67 -11.71
N LEU C 175 10.27 9.12 -12.82
CA LEU C 175 11.30 8.10 -12.80
C LEU C 175 12.27 8.35 -13.95
N SER C 176 13.56 8.17 -13.68
CA SER C 176 14.49 8.09 -14.79
C SER C 176 15.34 6.83 -14.69
N SER C 177 15.37 6.10 -15.81
CA SER C 177 16.19 4.91 -15.96
C SER C 177 17.42 5.34 -16.75
N THR C 178 18.59 4.85 -16.35
CA THR C 178 19.82 5.08 -17.12
C THR C 178 20.44 3.78 -17.57
N LEU C 179 20.58 3.64 -18.88
CA LEU C 179 21.29 2.54 -19.50
C LEU C 179 22.75 2.96 -19.73
N THR C 180 23.69 2.19 -19.20
CA THR C 180 25.10 2.52 -19.35
C THR C 180 25.81 1.48 -20.21
N LEU C 181 26.47 1.97 -21.25
CA LEU C 181 27.14 1.15 -22.24
C LEU C 181 28.54 1.69 -22.44
N SER C 182 29.47 0.83 -22.84
CA SER C 182 30.78 1.28 -23.30
C SER C 182 30.56 2.04 -24.62
N LYS C 183 31.48 2.95 -24.95
CA LYS C 183 31.38 3.64 -26.23
C LYS C 183 31.37 2.63 -27.38
N ALA C 184 32.22 1.61 -27.27
CA ALA C 184 32.33 0.59 -28.30
C ALA C 184 31.01 -0.18 -28.55
N ASP C 185 30.39 -0.67 -27.47
CA ASP C 185 29.06 -1.28 -27.59
C ASP C 185 28.10 -0.30 -28.24
N TYR C 186 28.12 0.96 -27.81
CA TYR C 186 27.16 1.96 -28.33
C TYR C 186 27.31 2.21 -29.84
N GLU C 187 28.55 2.28 -30.33
CA GLU C 187 28.81 2.50 -31.73
C GLU C 187 28.46 1.27 -32.57
N LYS C 188 28.34 0.12 -31.92
CA LYS C 188 28.12 -1.13 -32.62
C LYS C 188 26.63 -1.35 -32.95
N HIS C 189 25.75 -0.54 -32.36
CA HIS C 189 24.32 -0.76 -32.56
C HIS C 189 23.58 0.50 -33.03
N LYS C 190 22.32 0.32 -33.43
CA LYS C 190 21.60 1.39 -34.12
C LYS C 190 20.34 1.86 -33.41
N VAL C 191 19.41 0.95 -33.17
CA VAL C 191 18.15 1.33 -32.58
C VAL C 191 18.21 1.26 -31.06
N TYR C 192 17.98 2.39 -30.42
CA TYR C 192 17.90 2.41 -28.97
C TYR C 192 16.49 2.72 -28.50
N ALA C 193 15.94 1.87 -27.65
CA ALA C 193 14.55 1.98 -27.23
C ALA C 193 14.38 1.72 -25.73
N CYS C 194 13.48 2.49 -25.11
CA CYS C 194 12.93 2.15 -23.82
C CYS C 194 11.43 1.96 -23.98
N GLU C 195 10.94 0.82 -23.53
CA GLU C 195 9.54 0.47 -23.60
C GLU C 195 8.97 0.56 -22.20
N VAL C 196 7.87 1.29 -22.05
CA VAL C 196 7.32 1.57 -20.72
C VAL C 196 6.00 0.87 -20.51
N THR C 197 5.92 0.13 -19.41
CA THR C 197 4.69 -0.51 -18.96
C THR C 197 4.20 0.12 -17.65
N HIS C 198 2.91 0.44 -17.57
CA HIS C 198 2.36 1.08 -16.38
C HIS C 198 0.84 0.90 -16.32
N GLN C 199 0.29 0.84 -15.10
CA GLN C 199 -1.15 0.61 -14.91
C GLN C 199 -2.05 1.56 -15.73
N GLY C 200 -1.56 2.75 -16.03
CA GLY C 200 -2.32 3.73 -16.78
C GLY C 200 -2.12 3.69 -18.28
N LEU C 201 -1.38 2.71 -18.76
CA LEU C 201 -1.23 2.52 -20.20
C LEU C 201 -1.95 1.25 -20.66
N SER C 202 -2.84 1.37 -21.64
CA SER C 202 -3.57 0.21 -22.14
C SER C 202 -2.65 -0.78 -22.87
N SER C 203 -1.58 -0.27 -23.47
CA SER C 203 -0.52 -1.09 -24.04
C SER C 203 0.80 -0.31 -23.91
N PRO C 204 1.95 -1.00 -23.96
CA PRO C 204 3.20 -0.31 -23.58
C PRO C 204 3.62 0.79 -24.54
N VAL C 205 4.29 1.81 -24.02
CA VAL C 205 4.76 2.90 -24.85
C VAL C 205 6.27 2.76 -25.11
N THR C 206 6.66 2.88 -26.37
CA THR C 206 8.07 2.81 -26.73
C THR C 206 8.58 4.14 -27.30
N LYS C 207 9.71 4.59 -26.79
CA LYS C 207 10.38 5.76 -27.31
C LYS C 207 11.76 5.33 -27.82
N SER C 208 12.11 5.79 -29.01
CA SER C 208 13.28 5.27 -29.71
C SER C 208 14.10 6.36 -30.34
N PHE C 209 15.37 6.05 -30.57
CA PHE C 209 16.19 6.83 -31.48
C PHE C 209 17.17 5.92 -32.22
N ASN C 210 17.62 6.37 -33.38
CA ASN C 210 18.71 5.73 -34.11
C ASN C 210 19.97 6.54 -33.90
N ARG C 211 21.02 5.89 -33.45
CA ARG C 211 22.32 6.49 -33.30
C ARG C 211 22.75 7.22 -34.58
N GLY C 212 23.06 8.50 -34.43
CA GLY C 212 23.55 9.26 -35.57
C GLY C 212 22.47 9.59 -36.58
N ALA C 213 21.38 10.17 -36.11
CA ALA C 213 20.29 10.67 -36.96
C ALA C 213 19.50 11.70 -36.16
N GLN D 1 13.51 35.93 11.89
CA GLN D 1 14.91 36.16 11.55
C GLN D 1 15.85 35.30 12.41
N VAL D 2 15.30 34.28 13.07
CA VAL D 2 16.11 33.28 13.76
C VAL D 2 16.61 32.24 12.75
N GLN D 3 17.93 32.14 12.59
CA GLN D 3 18.51 31.19 11.65
C GLN D 3 19.75 30.47 12.16
N LEU D 4 19.85 29.20 11.79
CA LEU D 4 21.05 28.42 12.01
C LEU D 4 21.57 28.00 10.64
N LYS D 5 22.85 28.27 10.40
CA LYS D 5 23.52 27.97 9.14
C LYS D 5 24.78 27.16 9.41
N GLN D 6 24.84 25.97 8.84
CA GLN D 6 25.95 25.07 9.13
C GLN D 6 26.96 25.04 7.97
N SER D 7 28.21 24.72 8.31
CA SER D 7 29.25 24.56 7.31
C SER D 7 28.94 23.41 6.32
N GLY D 8 29.68 23.38 5.22
CA GLY D 8 29.33 22.54 4.09
C GLY D 8 29.43 21.04 4.29
N PRO D 9 28.82 20.28 3.36
CA PRO D 9 28.93 18.83 3.37
C PRO D 9 30.31 18.38 2.91
N GLY D 10 30.76 17.25 3.41
CA GLY D 10 32.06 16.73 3.03
C GLY D 10 32.29 15.28 3.39
N LEU D 11 33.47 14.80 3.00
CA LEU D 11 33.88 13.44 3.24
C LEU D 11 34.83 13.42 4.44
N VAL D 12 34.74 12.37 5.25
CA VAL D 12 35.65 12.15 6.37
C VAL D 12 36.22 10.74 6.29
N GLN D 13 37.53 10.59 6.43
CA GLN D 13 38.14 9.27 6.36
C GLN D 13 37.81 8.51 7.65
N PRO D 14 37.55 7.19 7.55
CA PRO D 14 37.32 6.40 8.77
C PRO D 14 38.45 6.58 9.77
N SER D 15 38.05 6.78 11.05
CA SER D 15 38.94 7.01 12.19
C SER D 15 39.34 8.47 12.35
N GLN D 16 39.13 9.27 11.30
CA GLN D 16 39.40 10.70 11.40
C GLN D 16 38.24 11.40 12.09
N SER D 17 38.35 12.71 12.26
CA SER D 17 37.34 13.42 13.03
C SER D 17 36.42 14.30 12.18
N LEU D 18 35.26 14.63 12.72
CA LEU D 18 34.27 15.44 12.02
C LEU D 18 34.15 16.81 12.69
N SER D 19 34.21 17.87 11.89
CA SER D 19 34.06 19.22 12.43
C SER D 19 32.98 19.98 11.68
N ILE D 20 31.99 20.47 12.39
CA ILE D 20 30.93 21.27 11.79
C ILE D 20 30.76 22.57 12.56
N THR D 21 30.57 23.67 11.84
CA THR D 21 30.32 24.96 12.47
C THR D 21 28.85 25.34 12.29
N CYS D 22 28.23 25.79 13.37
CA CYS D 22 26.87 26.30 13.34
C CYS D 22 26.92 27.79 13.69
N THR D 23 26.63 28.64 12.71
CA THR D 23 26.64 30.09 12.89
C THR D 23 25.19 30.46 13.08
N VAL D 24 24.87 31.16 14.17
CA VAL D 24 23.46 31.46 14.45
C VAL D 24 23.19 32.94 14.28
N SER D 25 21.91 33.28 14.22
CA SER D 25 21.51 34.64 13.91
C SER D 25 20.08 34.90 14.38
N GLY D 26 19.79 36.13 14.82
CA GLY D 26 18.46 36.47 15.28
C GLY D 26 18.24 36.12 16.76
N PHE D 27 19.32 35.72 17.42
CA PHE D 27 19.30 35.45 18.85
C PHE D 27 20.74 35.27 19.31
N SER D 28 20.96 35.38 20.61
CA SER D 28 22.29 35.28 21.19
C SER D 28 22.54 33.92 21.84
N LEU D 29 23.73 33.35 21.58
CA LEU D 29 24.15 32.11 22.22
C LEU D 29 24.19 32.21 23.75
N THR D 30 24.25 33.42 24.28
CA THR D 30 24.27 33.61 25.74
C THR D 30 22.87 33.45 26.32
N ASN D 31 21.88 33.28 25.45
CA ASN D 31 20.49 33.16 25.88
C ASN D 31 19.87 31.81 25.56
N TYR D 32 20.45 31.07 24.62
CA TYR D 32 19.89 29.77 24.25
C TYR D 32 20.91 28.65 24.13
N GLY D 33 20.52 27.45 24.49
CA GLY D 33 21.34 26.30 24.22
C GLY D 33 21.24 25.95 22.74
N VAL D 34 22.30 25.40 22.18
CA VAL D 34 22.21 24.82 20.83
C VAL D 34 22.41 23.32 20.91
N HIS D 35 21.51 22.58 20.28
CA HIS D 35 21.54 21.13 20.31
C HIS D 35 22.08 20.59 19.01
N TRP D 36 22.51 19.34 19.01
CA TRP D 36 22.93 18.72 17.77
C TRP D 36 22.21 17.40 17.64
N VAL D 37 21.61 17.20 16.47
CA VAL D 37 20.84 16.02 16.18
C VAL D 37 21.35 15.49 14.85
N ARG D 38 21.41 14.18 14.72
CA ARG D 38 21.75 13.62 13.44
C ARG D 38 20.64 12.69 12.95
N GLN D 39 20.63 12.45 11.65
CA GLN D 39 19.64 11.59 11.04
C GLN D 39 20.40 10.61 10.16
N SER D 40 20.42 9.34 10.53
CA SER D 40 21.24 8.33 9.86
C SER D 40 20.40 7.17 9.37
N PRO D 41 20.89 6.46 8.35
CA PRO D 41 20.27 5.22 7.86
C PRO D 41 20.11 4.19 8.98
N GLY D 42 21.06 4.11 9.89
CA GLY D 42 21.05 3.04 10.88
C GLY D 42 20.22 3.29 12.12
N LYS D 43 20.04 4.56 12.51
CA LYS D 43 19.31 4.88 13.72
C LYS D 43 18.29 6.00 13.57
N GLY D 44 18.11 6.53 12.37
CA GLY D 44 17.15 7.61 12.23
C GLY D 44 17.56 8.85 13.00
N LEU D 45 16.56 9.57 13.52
CA LEU D 45 16.79 10.79 14.29
C LEU D 45 17.35 10.51 15.68
N GLU D 46 18.52 11.08 15.95
CA GLU D 46 19.25 10.80 17.16
C GLU D 46 19.82 12.08 17.77
N TRP D 47 19.44 12.36 19.01
CA TRP D 47 19.95 13.56 19.72
C TRP D 47 21.36 13.31 20.21
N LEU D 48 22.29 14.18 19.82
CA LEU D 48 23.69 13.97 20.11
C LEU D 48 24.16 14.69 21.37
N GLY D 49 23.69 15.92 21.55
CA GLY D 49 24.10 16.72 22.68
C GLY D 49 23.73 18.18 22.62
N VAL D 50 24.20 18.96 23.60
CA VAL D 50 23.81 20.34 23.73
C VAL D 50 24.88 21.16 24.41
N ILE D 51 25.09 22.38 23.93
CA ILE D 51 25.83 23.36 24.70
C ILE D 51 24.86 24.47 25.15
N TRP D 52 24.77 24.65 26.46
CA TRP D 52 23.87 25.62 27.06
C TRP D 52 24.42 27.04 27.10
N SER D 53 23.52 28.00 27.31
CA SER D 53 23.85 29.42 27.46
C SER D 53 25.18 29.74 28.16
N GLY D 54 25.34 29.19 29.36
CA GLY D 54 26.51 29.47 30.17
C GLY D 54 27.75 28.62 29.88
N GLY D 55 27.70 27.83 28.81
CA GLY D 55 28.86 27.07 28.37
C GLY D 55 28.88 25.58 28.69
N ASN D 56 28.08 25.13 29.66
CA ASN D 56 27.97 23.71 30.01
C ASN D 56 27.58 22.84 28.80
N THR D 57 27.95 21.56 28.84
CA THR D 57 27.58 20.63 27.79
C THR D 57 27.01 19.33 28.34
N ASP D 58 26.09 18.75 27.57
CA ASP D 58 25.60 17.40 27.81
C ASP D 58 25.75 16.61 26.53
N TYR D 59 26.21 15.38 26.64
CA TYR D 59 26.33 14.51 25.49
C TYR D 59 25.53 13.26 25.75
N ASN D 60 24.79 12.81 24.74
CA ASN D 60 24.07 11.55 24.85
C ASN D 60 25.07 10.44 25.14
N THR D 61 24.68 9.48 25.97
CA THR D 61 25.61 8.44 26.48
C THR D 61 26.59 7.81 25.46
N PRO D 62 26.10 7.37 24.28
CA PRO D 62 27.04 6.73 23.35
C PRO D 62 28.05 7.68 22.70
N PHE D 63 28.07 8.95 23.10
CA PHE D 63 28.96 9.90 22.47
C PHE D 63 29.84 10.65 23.47
N THR D 64 29.71 10.32 24.75
CA THR D 64 30.44 11.01 25.82
C THR D 64 31.95 11.06 25.60
N SER D 65 32.53 9.97 25.12
CA SER D 65 33.98 9.85 25.04
C SER D 65 34.56 10.31 23.70
N ARG D 66 33.70 10.73 22.77
CA ARG D 66 34.22 11.14 21.46
C ARG D 66 33.54 12.37 20.87
N LEU D 67 32.82 13.11 21.69
CA LEU D 67 32.16 14.33 21.20
C LEU D 67 32.53 15.59 22.02
N SER D 68 32.84 16.67 21.32
CA SER D 68 33.12 17.95 21.96
C SER D 68 32.25 19.00 21.29
N ILE D 69 31.59 19.82 22.09
CA ILE D 69 30.83 20.94 21.56
C ILE D 69 31.34 22.18 22.26
N ASN D 70 31.77 23.17 21.48
CA ASN D 70 32.25 24.45 22.02
C ASN D 70 31.61 25.60 21.28
N LYS D 71 31.83 26.81 21.76
CA LYS D 71 31.26 27.96 21.09
C LYS D 71 32.05 29.22 21.34
N ASP D 72 31.77 30.22 20.52
CA ASP D 72 32.30 31.56 20.65
C ASP D 72 31.06 32.45 20.65
N ASN D 73 30.68 32.94 21.83
CA ASN D 73 29.48 33.78 21.96
C ASN D 73 29.54 35.04 21.10
N SER D 74 30.72 35.63 20.98
CA SER D 74 30.86 36.90 20.26
C SER D 74 30.73 36.72 18.75
N LYS D 75 31.15 35.57 18.24
CA LYS D 75 31.01 35.27 16.82
C LYS D 75 29.71 34.52 16.46
N SER D 76 28.87 34.27 17.45
CA SER D 76 27.63 33.51 17.25
C SER D 76 27.88 32.15 16.57
N GLN D 77 28.99 31.53 16.92
CA GLN D 77 29.33 30.24 16.32
C GLN D 77 29.37 29.11 17.34
N VAL D 78 28.79 27.97 16.95
CA VAL D 78 28.85 26.75 17.76
C VAL D 78 29.66 25.70 17.01
N PHE D 79 30.59 25.05 17.72
CA PHE D 79 31.52 24.12 17.09
C PHE D 79 31.31 22.69 17.58
N PHE D 80 31.00 21.81 16.63
CA PHE D 80 30.75 20.41 16.87
C PHE D 80 31.98 19.65 16.40
N LYS D 81 32.49 18.77 17.24
CA LYS D 81 33.62 17.92 16.88
C LYS D 81 33.43 16.50 17.42
N MET D 82 33.35 15.53 16.51
CA MET D 82 33.21 14.13 16.89
CA MET D 82 33.20 14.12 16.89
C MET D 82 34.40 13.30 16.39
N ASN D 83 34.86 12.36 17.21
CA ASN D 83 36.08 11.60 16.93
C ASN D 83 35.83 10.18 16.43
N SER D 84 36.83 9.60 15.77
CA SER D 84 36.83 8.17 15.43
C SER D 84 35.60 7.76 14.63
N LEU D 85 35.33 8.45 13.53
CA LEU D 85 34.11 8.16 12.78
C LEU D 85 34.20 6.82 12.07
N GLN D 86 33.11 6.07 12.11
CA GLN D 86 33.03 4.84 11.36
C GLN D 86 31.99 4.99 10.27
N SER D 87 31.87 3.97 9.44
CA SER D 87 30.99 4.03 8.28
C SER D 87 29.55 4.41 8.67
N ASN D 88 29.04 3.83 9.76
CA ASN D 88 27.68 4.09 10.21
C ASN D 88 27.52 5.45 10.89
N ASP D 89 28.56 6.26 10.92
CA ASP D 89 28.41 7.66 11.31
C ASP D 89 28.07 8.53 10.11
N THR D 90 28.05 7.94 8.92
CA THR D 90 27.47 8.59 7.75
C THR D 90 26.05 9.03 8.06
N ALA D 91 25.78 10.32 7.94
CA ALA D 91 24.48 10.89 8.33
C ALA D 91 24.40 12.37 8.02
N ILE D 92 23.20 12.93 8.18
CA ILE D 92 23.05 14.38 8.14
C ILE D 92 23.11 14.90 9.57
N TYR D 93 23.95 15.89 9.82
CA TYR D 93 24.11 16.45 11.16
C TYR D 93 23.46 17.82 11.22
N TYR D 94 22.59 18.00 12.21
CA TYR D 94 21.88 19.27 12.39
C TYR D 94 22.28 19.90 13.71
N CYS D 95 22.43 21.21 13.69
CA CYS D 95 22.32 21.99 14.91
C CYS D 95 20.85 22.41 15.01
N ALA D 96 20.38 22.67 16.21
CA ALA D 96 19.00 23.06 16.39
C ALA D 96 18.83 23.92 17.63
N ARG D 97 17.79 24.75 17.65
CA ARG D 97 17.48 25.55 18.82
C ARG D 97 16.05 25.32 19.30
N ALA D 98 15.87 25.35 20.62
CA ALA D 98 14.55 25.13 21.21
C ALA D 98 13.80 26.44 21.37
N LEU D 99 12.51 26.34 21.66
CA LEU D 99 11.66 27.51 21.90
C LEU D 99 12.11 28.31 23.13
N THR D 100 12.28 27.61 24.25
CA THR D 100 12.68 28.25 25.49
C THR D 100 14.11 27.84 25.78
N TYR D 101 14.82 28.68 26.53
CA TYR D 101 16.25 28.48 26.73
C TYR D 101 16.62 27.09 27.27
N TYR D 102 15.73 26.50 28.04
CA TYR D 102 16.03 25.30 28.82
C TYR D 102 15.44 24.01 28.23
N ASP D 103 14.59 24.13 27.21
CA ASP D 103 13.77 23.00 26.73
C ASP D 103 14.35 22.25 25.51
N TYR D 104 13.60 21.27 25.01
CA TYR D 104 14.09 20.40 23.95
C TYR D 104 13.10 20.34 22.79
N GLU D 105 12.33 21.42 22.64
CA GLU D 105 11.30 21.57 21.62
C GLU D 105 11.91 22.30 20.44
N PHE D 106 12.37 21.56 19.44
CA PHE D 106 13.28 22.11 18.42
C PHE D 106 12.52 22.88 17.35
N ALA D 107 12.29 24.16 17.63
CA ALA D 107 11.56 25.02 16.70
C ALA D 107 12.44 25.51 15.55
N TYR D 108 13.75 25.58 15.74
CA TYR D 108 14.63 26.13 14.72
C TYR D 108 15.77 25.18 14.40
N TRP D 109 15.96 24.89 13.12
CA TRP D 109 17.03 23.96 12.69
C TRP D 109 17.99 24.56 11.69
N GLY D 110 19.22 24.06 11.69
CA GLY D 110 20.16 24.35 10.63
C GLY D 110 19.67 23.64 9.39
N GLN D 111 20.29 23.90 8.24
CA GLN D 111 19.91 23.23 7.02
C GLN D 111 20.49 21.83 6.96
N GLY D 112 21.40 21.53 7.87
CA GLY D 112 22.00 20.21 7.93
C GLY D 112 23.26 20.08 7.08
N THR D 113 24.12 19.14 7.49
CA THR D 113 25.40 18.93 6.85
C THR D 113 25.53 17.44 6.58
N LEU D 114 25.62 17.07 5.30
CA LEU D 114 25.74 15.66 4.96
C LEU D 114 27.21 15.26 5.09
N VAL D 115 27.48 14.28 5.95
CA VAL D 115 28.84 13.77 6.03
C VAL D 115 28.92 12.29 5.69
N THR D 116 29.90 11.97 4.86
CA THR D 116 30.09 10.63 4.41
C THR D 116 31.39 10.11 4.99
N VAL D 117 31.31 8.97 5.66
CA VAL D 117 32.52 8.32 6.15
C VAL D 117 32.95 7.22 5.18
N SER D 118 34.01 7.50 4.43
CA SER D 118 34.50 6.57 3.42
C SER D 118 35.98 6.76 3.21
N ALA D 119 36.65 5.68 2.79
CA ALA D 119 38.09 5.73 2.53
C ALA D 119 38.42 6.30 1.14
N ALA D 120 37.39 6.43 0.30
CA ALA D 120 37.52 6.98 -1.04
C ALA D 120 37.96 8.45 -1.12
N SER D 121 38.19 8.92 -2.34
CA SER D 121 38.62 10.28 -2.59
C SER D 121 37.42 11.12 -2.99
N THR D 122 37.52 12.44 -2.82
CA THR D 122 36.49 13.33 -3.33
C THR D 122 36.66 13.46 -4.84
N LYS D 123 35.55 13.43 -5.57
CA LYS D 123 35.60 13.63 -7.01
C LYS D 123 34.41 14.46 -7.50
N GLY D 124 34.71 15.48 -8.30
CA GLY D 124 33.68 16.34 -8.83
C GLY D 124 33.04 15.69 -10.05
N PRO D 125 31.82 16.10 -10.39
CA PRO D 125 31.06 15.43 -11.44
C PRO D 125 31.38 15.95 -12.85
N SER D 126 31.02 15.15 -13.84
CA SER D 126 30.89 15.63 -15.22
C SER D 126 29.41 15.89 -15.45
N VAL D 127 29.11 16.98 -16.15
CA VAL D 127 27.73 17.39 -16.39
C VAL D 127 27.46 17.31 -17.88
N PHE D 128 26.50 16.48 -18.28
CA PHE D 128 26.18 16.25 -19.70
C PHE D 128 24.73 16.61 -19.97
N PRO D 129 24.43 17.11 -21.18
CA PRO D 129 23.07 17.49 -21.56
C PRO D 129 22.20 16.29 -21.85
N LEU D 130 20.96 16.35 -21.38
CA LEU D 130 19.90 15.45 -21.82
C LEU D 130 19.04 16.29 -22.77
N ALA D 131 19.32 16.14 -24.06
CA ALA D 131 18.77 17.04 -25.06
C ALA D 131 17.63 16.38 -25.82
N PRO D 132 16.55 17.12 -26.04
CA PRO D 132 15.48 16.65 -26.92
C PRO D 132 15.90 16.75 -28.38
N SER D 133 15.16 16.10 -29.26
CA SER D 133 15.35 16.27 -30.70
C SER D 133 13.99 16.64 -31.29
N SER D 134 13.87 16.55 -32.62
CA SER D 134 12.61 16.89 -33.28
C SER D 134 11.54 15.81 -33.09
N LYS D 135 11.64 15.06 -31.98
CA LYS D 135 10.61 14.06 -31.66
C LYS D 135 10.57 13.71 -30.18
N SER D 136 11.14 14.53 -29.29
CA SER D 136 11.02 14.37 -27.85
C SER D 136 9.89 15.22 -27.28
N THR D 137 8.71 15.12 -27.91
CA THR D 137 7.57 15.99 -27.65
C THR D 137 6.39 15.28 -26.98
N SER D 138 5.70 16.00 -26.09
CA SER D 138 4.51 15.51 -25.42
C SER D 138 3.36 16.44 -25.76
N GLY D 139 2.74 16.19 -26.92
CA GLY D 139 1.91 17.19 -27.57
C GLY D 139 2.87 18.23 -28.12
N GLY D 140 3.03 19.32 -27.39
CA GLY D 140 4.04 20.32 -27.69
C GLY D 140 4.93 20.58 -26.49
N THR D 141 5.03 19.58 -25.62
CA THR D 141 5.86 19.68 -24.42
C THR D 141 7.19 18.95 -24.61
N ALA D 142 8.29 19.61 -24.27
CA ALA D 142 9.59 18.99 -24.42
C ALA D 142 10.26 18.77 -23.07
N ALA D 143 11.00 17.67 -22.97
CA ALA D 143 11.77 17.39 -21.78
C ALA D 143 13.23 17.61 -22.13
N LEU D 144 13.94 18.26 -21.23
CA LEU D 144 15.38 18.36 -21.34
C LEU D 144 15.95 18.21 -19.93
N GLY D 145 17.27 18.04 -19.82
CA GLY D 145 17.83 17.79 -18.51
C GLY D 145 19.34 17.76 -18.47
N CYS D 146 19.84 17.51 -17.27
CA CYS D 146 21.28 17.40 -17.03
C CYS D 146 21.62 16.08 -16.33
N LEU D 147 22.62 15.39 -16.87
CA LEU D 147 23.12 14.17 -16.27
C LEU D 147 24.39 14.51 -15.50
N VAL D 148 24.32 14.38 -14.18
CA VAL D 148 25.43 14.77 -13.30
C VAL D 148 26.14 13.50 -12.90
N LYS D 149 27.27 13.24 -13.54
CA LYS D 149 27.85 11.91 -13.55
C LYS D 149 29.22 11.80 -12.83
N ASP D 150 29.39 10.69 -12.10
CA ASP D 150 30.68 10.25 -11.57
C ASP D 150 31.29 11.19 -10.53
N TYR D 151 30.54 11.47 -9.48
CA TYR D 151 31.04 12.28 -8.38
C TYR D 151 30.95 11.54 -7.05
N PHE D 152 31.76 11.99 -6.11
CA PHE D 152 31.72 11.47 -4.76
C PHE D 152 32.29 12.54 -3.83
N PRO D 153 31.69 12.69 -2.62
CA PRO D 153 30.50 11.99 -2.17
C PRO D 153 29.26 12.81 -2.47
N GLU D 154 28.09 12.32 -2.10
CA GLU D 154 26.89 13.14 -2.04
C GLU D 154 27.18 14.33 -1.12
N PRO D 155 26.41 15.44 -1.24
CA PRO D 155 25.33 15.62 -2.21
C PRO D 155 25.78 16.57 -3.29
N VAL D 156 24.93 16.74 -4.30
CA VAL D 156 25.10 17.80 -5.27
C VAL D 156 23.76 18.54 -5.32
N THR D 157 23.79 19.86 -5.53
CA THR D 157 22.55 20.61 -5.75
C THR D 157 22.41 20.97 -7.23
N VAL D 158 21.16 21.06 -7.69
CA VAL D 158 20.91 21.49 -9.05
C VAL D 158 19.77 22.47 -9.07
N SER D 159 19.97 23.62 -9.73
CA SER D 159 18.84 24.50 -9.99
C SER D 159 18.78 24.74 -11.48
N TRP D 160 17.71 25.38 -11.91
CA TRP D 160 17.58 25.74 -13.31
C TRP D 160 17.43 27.25 -13.46
N ASN D 161 18.19 27.81 -14.41
CA ASN D 161 18.22 29.25 -14.63
C ASN D 161 18.37 30.04 -13.33
N SER D 162 19.41 29.72 -12.57
CA SER D 162 19.71 30.39 -11.29
C SER D 162 18.52 30.47 -10.34
N GLY D 163 17.65 29.47 -10.38
CA GLY D 163 16.52 29.42 -9.49
C GLY D 163 15.22 29.93 -10.05
N ALA D 164 15.27 30.64 -11.18
CA ALA D 164 14.07 31.25 -11.78
C ALA D 164 13.11 30.22 -12.37
N LEU D 165 13.63 29.03 -12.68
CA LEU D 165 12.82 27.96 -13.27
C LEU D 165 12.67 26.80 -12.27
N THR D 166 11.45 26.62 -11.77
CA THR D 166 11.16 25.59 -10.77
C THR D 166 9.96 24.76 -11.20
N SER D 167 9.07 25.38 -11.96
CA SER D 167 7.86 24.72 -12.44
C SER D 167 8.20 23.60 -13.42
N GLY D 168 7.89 22.36 -13.04
CA GLY D 168 8.17 21.21 -13.88
C GLY D 168 9.57 20.61 -13.70
N VAL D 169 10.33 21.11 -12.74
CA VAL D 169 11.64 20.55 -12.43
C VAL D 169 11.53 19.28 -11.59
N HIS D 170 12.25 18.23 -11.99
CA HIS D 170 12.36 17.01 -11.19
C HIS D 170 13.83 16.68 -11.06
N THR D 171 14.33 16.78 -9.83
CA THR D 171 15.70 16.39 -9.58
C THR D 171 15.65 15.04 -8.88
N PHE D 172 16.33 14.06 -9.46
CA PHE D 172 16.19 12.69 -8.98
C PHE D 172 17.16 12.38 -7.84
N PRO D 173 16.80 11.42 -6.98
CA PRO D 173 17.75 10.83 -6.04
C PRO D 173 18.97 10.32 -6.79
N ALA D 174 20.16 10.57 -6.25
CA ALA D 174 21.38 10.05 -6.86
C ALA D 174 21.42 8.53 -6.74
N VAL D 175 22.03 7.85 -7.70
CA VAL D 175 22.24 6.42 -7.53
C VAL D 175 23.72 6.14 -7.39
N LEU D 176 24.02 5.13 -6.57
CA LEU D 176 25.39 4.69 -6.42
C LEU D 176 25.67 3.67 -7.53
N GLN D 177 26.62 4.02 -8.39
CA GLN D 177 27.00 3.14 -9.48
C GLN D 177 27.97 2.09 -8.94
N SER D 178 28.17 1.01 -9.69
CA SER D 178 29.04 -0.06 -9.22
C SER D 178 30.50 0.41 -9.14
N SER D 179 30.78 1.57 -9.73
CA SER D 179 32.10 2.18 -9.66
C SER D 179 32.36 2.78 -8.28
N GLY D 180 31.30 2.91 -7.49
CA GLY D 180 31.37 3.59 -6.20
C GLY D 180 31.21 5.10 -6.35
N LEU D 181 30.93 5.57 -7.56
CA LEU D 181 30.72 6.98 -7.79
C LEU D 181 29.23 7.22 -7.92
N TYR D 182 28.77 8.41 -7.57
CA TYR D 182 27.36 8.74 -7.70
C TYR D 182 27.01 9.31 -9.05
N SER D 183 25.73 9.23 -9.36
CA SER D 183 25.19 9.80 -10.58
C SER D 183 23.79 10.29 -10.26
N LEU D 184 23.43 11.41 -10.87
CA LEU D 184 22.16 12.07 -10.64
C LEU D 184 21.70 12.68 -11.94
N SER D 185 20.39 12.79 -12.12
CA SER D 185 19.84 13.52 -13.26
C SER D 185 18.74 14.46 -12.79
N SER D 186 18.67 15.63 -13.43
CA SER D 186 17.64 16.61 -13.16
C SER D 186 17.01 16.93 -14.51
N VAL D 187 15.68 16.95 -14.57
CA VAL D 187 14.98 17.24 -15.82
C VAL D 187 13.94 18.30 -15.60
N VAL D 188 13.47 18.88 -16.70
CA VAL D 188 12.38 19.86 -16.64
C VAL D 188 11.58 19.71 -17.93
N THR D 189 10.27 19.90 -17.85
CA THR D 189 9.48 19.96 -19.06
C THR D 189 9.18 21.43 -19.40
N VAL D 190 9.33 21.77 -20.67
CA VAL D 190 9.10 23.11 -21.16
C VAL D 190 8.32 23.05 -22.46
N PRO D 191 7.70 24.16 -22.86
CA PRO D 191 7.06 24.16 -24.18
C PRO D 191 8.07 23.97 -25.33
N SER D 192 7.76 23.08 -26.27
CA SER D 192 8.58 22.89 -27.48
C SER D 192 8.95 24.20 -28.16
N SER D 193 7.97 25.08 -28.33
CA SER D 193 8.16 26.30 -29.09
C SER D 193 9.10 27.30 -28.42
N SER D 194 9.54 27.00 -27.20
CA SER D 194 10.49 27.88 -26.50
C SER D 194 11.93 27.37 -26.56
N LEU D 195 12.13 26.19 -27.14
CA LEU D 195 13.47 25.59 -27.21
C LEU D 195 14.52 26.45 -27.92
N GLY D 196 14.09 27.40 -28.73
CA GLY D 196 15.02 28.25 -29.45
C GLY D 196 15.18 29.65 -28.89
N THR D 197 14.11 30.18 -28.31
CA THR D 197 14.08 31.56 -27.81
C THR D 197 14.57 31.68 -26.37
N GLN D 198 14.19 30.70 -25.56
CA GLN D 198 14.50 30.72 -24.15
C GLN D 198 15.72 29.83 -23.91
N THR D 199 16.68 30.29 -23.11
CA THR D 199 17.82 29.43 -22.80
C THR D 199 17.60 28.72 -21.48
N TYR D 200 18.01 27.46 -21.43
CA TYR D 200 17.86 26.68 -20.21
C TYR D 200 19.22 26.25 -19.70
N ILE D 201 19.56 26.66 -18.48
CA ILE D 201 20.85 26.32 -17.88
C ILE D 201 20.59 25.50 -16.62
N CYS D 202 21.30 24.40 -16.47
CA CYS D 202 21.28 23.76 -15.17
C CYS D 202 22.50 24.22 -14.39
N ASN D 203 22.28 24.57 -13.13
CA ASN D 203 23.34 25.06 -12.26
C ASN D 203 23.70 23.94 -11.30
N VAL D 204 24.82 23.30 -11.56
CA VAL D 204 25.25 22.18 -10.77
C VAL D 204 26.28 22.66 -9.77
N ASN D 205 26.14 22.20 -8.54
CA ASN D 205 27.11 22.51 -7.52
C ASN D 205 27.40 21.25 -6.72
N HIS D 206 28.67 20.87 -6.73
CA HIS D 206 29.15 19.80 -5.89
C HIS D 206 30.09 20.40 -4.86
N LYS D 207 29.53 20.90 -3.77
CA LYS D 207 30.32 21.57 -2.74
C LYS D 207 31.50 20.78 -2.14
N PRO D 208 31.38 19.43 -1.99
CA PRO D 208 32.54 18.72 -1.44
C PRO D 208 33.82 18.87 -2.26
N SER D 209 33.68 19.14 -3.55
CA SER D 209 34.84 19.26 -4.41
C SER D 209 34.99 20.69 -4.91
N ASN D 210 34.15 21.58 -4.42
CA ASN D 210 34.09 22.96 -4.90
C ASN D 210 33.96 23.07 -6.41
N THR D 211 33.19 22.16 -7.00
CA THR D 211 32.96 22.14 -8.44
C THR D 211 31.61 22.75 -8.78
N LYS D 212 31.63 23.92 -9.42
CA LYS D 212 30.39 24.50 -9.92
C LYS D 212 30.39 24.49 -11.45
N VAL D 213 29.29 23.99 -12.03
CA VAL D 213 29.11 24.01 -13.47
C VAL D 213 27.75 24.60 -13.86
N ASP D 214 27.76 25.52 -14.82
CA ASP D 214 26.54 25.99 -15.47
C ASP D 214 26.51 25.43 -16.87
N LYS D 215 25.55 24.55 -17.14
CA LYS D 215 25.47 23.87 -18.42
C LYS D 215 24.20 24.28 -19.15
N ARG D 216 24.35 24.81 -20.35
CA ARG D 216 23.20 25.08 -21.20
C ARG D 216 22.77 23.79 -21.91
N VAL D 217 21.47 23.56 -21.97
CA VAL D 217 20.94 22.37 -22.61
C VAL D 217 19.99 22.76 -23.72
N GLU D 218 20.29 22.31 -24.93
CA GLU D 218 19.43 22.60 -26.09
C GLU D 218 19.39 21.41 -27.04
N PRO D 219 18.38 21.35 -27.91
CA PRO D 219 18.33 20.27 -28.91
C PRO D 219 19.59 20.22 -29.78
N LYS D 220 20.10 19.02 -30.03
CA LYS D 220 21.37 18.84 -30.73
C LYS D 220 21.32 19.32 -32.19
N GLY E 1 -12.55 0.05 1.40
CA GLY E 1 -13.13 0.66 2.58
C GLY E 1 -14.50 0.12 2.96
N GLN E 2 -15.21 -0.45 2.00
CA GLN E 2 -16.59 -0.90 2.23
C GLN E 2 -16.71 -2.41 2.10
BR 6CV E 3 -22.41 -8.68 2.47
N 6CV E 3 -17.69 -2.98 2.80
CA 6CV E 3 -17.92 -4.43 2.74
CB 6CV E 3 -18.88 -4.88 3.84
CG 6CV E 3 -19.21 -6.35 3.87
CD1 6CV E 3 -18.34 -7.28 4.42
CE1 6CV E 3 -18.69 -8.64 4.42
CZ 6CV E 3 -19.88 -9.07 3.85
CE2 6CV E 3 -20.73 -8.14 3.28
CD2 6CV E 3 -20.40 -6.80 3.29
C 6CV E 3 -18.43 -4.83 1.35
O 6CV E 3 -19.33 -4.19 0.81
N ASP E 4 -17.83 -5.87 0.77
CA ASP E 4 -18.22 -6.35 -0.55
C ASP E 4 -19.03 -7.64 -0.49
N LEU E 5 -20.17 -7.64 -1.19
CA LEU E 5 -21.11 -8.73 -1.18
C LEU E 5 -20.57 -10.03 -1.78
N SER E 6 -19.96 -9.91 -2.96
CA SER E 6 -19.39 -11.06 -3.66
C SER E 6 -18.17 -11.66 -2.95
N THR E 7 -17.56 -10.87 -2.07
CA THR E 7 -16.29 -11.26 -1.43
C THR E 7 -16.45 -11.65 0.04
N ARG E 8 -17.46 -11.07 0.70
CA ARG E 8 -17.56 -11.11 2.17
C ARG E 8 -16.32 -10.52 2.83
N ARG E 9 -15.71 -9.55 2.16
CA ARG E 9 -14.53 -8.89 2.68
C ARG E 9 -14.62 -7.41 2.39
N LEU E 10 -13.70 -6.64 2.97
CA LEU E 10 -13.63 -5.21 2.68
C LEU E 10 -12.97 -5.00 1.34
N LYS E 11 -13.50 -4.07 0.57
CA LYS E 11 -12.97 -3.78 -0.75
C LYS E 11 -13.08 -2.28 -0.98
N GLY E 12 -11.98 -1.58 -0.74
CA GLY E 12 -11.94 -0.14 -0.92
C GLY E 12 -12.66 0.58 0.19
N GLY F 1 10.53 2.22 6.08
CA GLY F 1 10.81 2.00 7.48
C GLY F 1 12.10 2.59 8.05
N GLN F 2 12.97 3.06 7.16
CA GLN F 2 14.25 3.59 7.60
C GLN F 2 14.73 4.75 6.74
BR 6CV F 3 20.81 10.52 5.80
N 6CV F 3 15.62 5.56 7.30
CA 6CV F 3 16.10 6.75 6.62
CB 6CV F 3 16.67 7.68 7.69
CG 6CV F 3 17.13 9.00 7.14
CD1 6CV F 3 16.23 10.04 6.94
CE1 6CV F 3 16.68 11.24 6.42
CZ 6CV F 3 18.03 11.39 6.10
CE2 6CV F 3 18.92 10.34 6.28
CD2 6CV F 3 18.46 9.15 6.80
C 6CV F 3 17.08 6.46 5.45
O 6CV F 3 18.05 5.73 5.63
N ASP F 4 16.81 7.04 4.27
CA ASP F 4 17.59 6.81 3.05
C ASP F 4 18.54 7.95 2.72
N LEU F 5 19.80 7.61 2.44
CA LEU F 5 20.84 8.62 2.20
C LEU F 5 20.66 9.42 0.91
N SER F 6 20.11 8.81 -0.12
CA SER F 6 19.93 9.51 -1.39
C SER F 6 18.72 10.45 -1.39
N THR F 7 17.60 9.97 -0.85
CA THR F 7 16.40 10.78 -0.78
C THR F 7 16.39 11.65 0.47
N ARG F 8 17.20 11.29 1.47
CA ARG F 8 17.18 11.97 2.75
C ARG F 8 15.75 12.04 3.28
N ARG F 9 15.05 10.92 3.12
CA ARG F 9 13.66 10.72 3.49
C ARG F 9 13.48 9.26 3.92
N LEU F 10 12.40 9.01 4.67
CA LEU F 10 12.00 7.66 5.01
C LEU F 10 11.79 6.90 3.72
N LYS F 11 12.22 5.65 3.69
CA LYS F 11 12.00 4.77 2.55
C LYS F 11 11.86 3.36 3.07
N GLY F 12 10.62 2.90 3.22
CA GLY F 12 10.36 1.58 3.75
C GLY F 12 10.88 1.34 5.16
P PO4 G . -7.49 -18.85 -2.30
O1 PO4 G . -8.36 -19.22 -3.48
O2 PO4 G . -6.04 -18.85 -2.72
O3 PO4 G . -7.69 -19.86 -1.19
O4 PO4 G . -7.84 -17.45 -1.81
P PO4 H . -4.89 -19.43 13.62
O1 PO4 H . -5.71 -20.03 12.50
O2 PO4 H . -5.03 -17.91 13.60
O3 PO4 H . -3.43 -19.78 13.44
O4 PO4 H . -5.39 -19.97 14.94
C1 NAG I . -31.00 2.53 3.78
C2 NAG I . -29.86 3.13 4.56
C3 NAG I . -30.37 3.71 5.87
C4 NAG I . -31.36 4.81 5.51
C5 NAG I . -32.48 4.27 4.60
C6 NAG I . -33.36 5.37 4.05
C7 NAG I . -28.88 0.96 5.28
C8 NAG I . -27.63 0.13 5.33
N2 NAG I . -28.75 2.17 4.76
O3 NAG I . -29.33 4.24 6.66
O4 NAG I . -31.89 5.44 6.68
O5 NAG I . -31.94 3.57 3.45
O6 NAG I . -34.44 4.81 3.30
O7 NAG I . -29.94 0.54 5.73
P PO4 J . 9.20 16.63 -7.19
O1 PO4 J . 10.45 16.50 -8.04
O2 PO4 J . 9.17 15.57 -6.10
O3 PO4 J . 8.00 16.47 -8.08
O4 PO4 J . 9.17 18.01 -6.54
P PO4 K . 2.03 24.73 4.87
O1 PO4 K . 3.10 24.83 3.80
O2 PO4 K . 2.02 23.33 5.47
O3 PO4 K . 0.66 25.03 4.27
O4 PO4 K . 2.33 25.72 5.97
#